data_5DF0
#
_entry.id   5DF0
#
_cell.length_a   96.712
_cell.length_b   112.766
_cell.length_c   129.591
_cell.angle_alpha   90.00
_cell.angle_beta   90.00
_cell.angle_gamma   90.00
#
_symmetry.space_group_name_H-M   'P 21 21 21'
#
loop_
_entity.id
_entity.type
_entity.pdbx_description
1 polymer Ac-ChiA
2 non-polymer 2-acetamido-2-deoxy-beta-D-glucopyranose
3 non-polymer 2-deoxy-2-(ethanethioylamino)-beta-D-glucopyranose
4 non-polymer (2R,3aR,5R,6R,7R,7aR)-5-(hydroxymethyl)-2-methylhexahydro-3aH-pyrano[3,2-d][1,3]thiazole-6,7-diol
5 non-polymer 'CHLORIDE ION'
6 non-polymer 'SULFATE ION'
7 water water
#
_entity_poly.entity_id   1
_entity_poly.type   'polypeptide(L)'
_entity_poly.pdbx_seq_one_letter_code
;MLYKLLNVLWLVAVSNAIPGTPVIDWADRNYALVEINYEATAYENLIKPKEQVDVQVSWNVWNGDIGDIAYVLFDEQQVW
KGDAESKRATIKVLVSGQFNMRVKLCNEDGCSVSDPVLVKVADTDGGHLAPLEYTWLENNKPGRREDKIVAAYFVEWGVY
GRNFPVDKVPLPNLSHLLYGFIPICGGDGINDALKTISGSFESLQRSCKGREDFKVAIHDPWAAVQKPQKSVSAWNEPYK
GNFGQLMAAKLANPHLKILPSIGGWTLSDPFYFMHDVEKRNVFVDSVKEFLQVWKFFDGVDVDWEFPGGKGANPSLGDAE
RDAKTYILLLEELRAMLDDLEAQTGRVYELTSAISAGYDKIAVVNYAEAQKSLGKIFLMSYDFKGAWSNTDLGYQTTVYA
PSWNSEELYTTHYAVDALLKQGVDPNKIIVGVAMYGRGWTGVTNYTNDNYFSGTGNGPVSGTWEDGVVDYRQIQKDLNNY
VYTFDSAAQASYVFDKSKGDLISFDSVDSVLGKVKYVDRNKLGGLFAWEIDADNGDLLNAINAQF
;
_entity_poly.pdbx_strand_id   A,B
#
loop_
_chem_comp.id
_chem_comp.type
_chem_comp.name
_chem_comp.formula
58Y non-polymer (2R,3aR,5R,6R,7R,7aR)-5-(hydroxymethyl)-2-methylhexahydro-3aH-pyrano[3,2-d][1,3]thiazole-6,7-diol 'C8 H15 N O4 S'
CL non-polymer 'CHLORIDE ION' 'Cl -1'
NAG D-saccharide, beta linking 2-acetamido-2-deoxy-beta-D-glucopyranose 'C8 H15 N O6'
SN5 D-saccharide, beta linking 2-deoxy-2-(ethanethioylamino)-beta-D-glucopyranose 'C8 H15 N O5 S'
SO4 non-polymer 'SULFATE ION' 'O4 S -2'
#
# COMPACT_ATOMS: atom_id res chain seq x y z
N ILE A 18 -21.34 -8.62 -34.42
CA ILE A 18 -21.23 -8.68 -32.98
C ILE A 18 -22.20 -7.70 -32.35
N PRO A 19 -22.62 -7.96 -31.11
CA PRO A 19 -23.47 -7.00 -30.40
C PRO A 19 -22.72 -5.71 -30.12
N GLY A 20 -23.46 -4.75 -29.56
CA GLY A 20 -22.85 -3.48 -29.23
C GLY A 20 -21.79 -3.61 -28.15
N THR A 21 -20.85 -2.68 -28.17
CA THR A 21 -19.81 -2.66 -27.14
C THR A 21 -20.43 -2.24 -25.81
N PRO A 22 -20.30 -3.04 -24.76
CA PRO A 22 -20.89 -2.66 -23.47
C PRO A 22 -19.97 -1.72 -22.70
N VAL A 23 -20.59 -0.81 -21.95
CA VAL A 23 -19.88 0.17 -21.14
C VAL A 23 -20.42 0.09 -19.73
N ILE A 24 -19.62 -0.43 -18.81
CA ILE A 24 -20.06 -0.58 -17.42
C ILE A 24 -20.20 0.79 -16.79
N ASP A 25 -21.38 1.06 -16.22
CA ASP A 25 -21.62 2.34 -15.57
C ASP A 25 -20.75 2.50 -14.34
N TRP A 26 -20.43 3.74 -14.02
CA TRP A 26 -19.56 4.02 -12.89
C TRP A 26 -20.31 3.91 -11.57
N ALA A 27 -19.67 3.30 -10.59
CA ALA A 27 -20.21 3.16 -9.24
C ALA A 27 -19.07 2.70 -8.35
N ASP A 28 -19.29 2.80 -7.03
CA ASP A 28 -18.31 2.32 -6.07
C ASP A 28 -18.33 0.80 -6.03
N ARG A 29 -17.20 0.18 -6.35
CA ARG A 29 -17.06 -1.26 -6.34
C ARG A 29 -16.08 -1.74 -5.28
N ASN A 30 -15.97 -0.98 -4.19
CA ASN A 30 -15.21 -1.38 -3.01
C ASN A 30 -16.21 -1.97 -2.02
N TYR A 31 -16.21 -3.30 -1.90
CA TYR A 31 -17.15 -4.01 -1.06
C TYR A 31 -16.43 -4.59 0.15
N ALA A 32 -17.20 -4.85 1.20
CA ALA A 32 -16.66 -5.37 2.46
C ALA A 32 -17.61 -6.40 3.04
N LEU A 33 -17.08 -7.57 3.39
CA LEU A 33 -17.89 -8.60 4.03
C LEU A 33 -18.22 -8.25 5.47
N VAL A 34 -17.50 -7.32 6.08
CA VAL A 34 -17.79 -6.81 7.42
C VAL A 34 -17.64 -5.30 7.35
N GLU A 35 -18.77 -4.59 7.24
CA GLU A 35 -18.72 -3.14 7.21
C GLU A 35 -18.25 -2.58 8.54
N ILE A 36 -17.63 -1.40 8.48
CA ILE A 36 -17.13 -0.70 9.65
C ILE A 36 -17.72 0.71 9.64
N ASN A 37 -18.53 1.02 10.64
CA ASN A 37 -19.06 2.37 10.81
C ASN A 37 -18.01 3.18 11.57
N TYR A 38 -17.40 4.14 10.89
CA TYR A 38 -16.31 4.92 11.48
C TYR A 38 -16.80 6.09 12.34
N GLU A 39 -18.09 6.18 12.59
CA GLU A 39 -18.64 7.18 13.51
C GLU A 39 -19.23 6.58 14.77
N ALA A 40 -19.34 5.26 14.86
CA ALA A 40 -19.97 4.61 15.99
C ALA A 40 -19.01 4.48 17.17
N THR A 41 -19.58 4.38 18.35
CA THR A 41 -18.83 4.13 19.58
C THR A 41 -19.12 2.77 20.21
N ALA A 42 -20.33 2.27 20.05
CA ALA A 42 -20.68 0.96 20.58
C ALA A 42 -20.29 -0.14 19.60
N TYR A 43 -20.09 -1.34 20.14
CA TYR A 43 -19.59 -2.44 19.32
C TYR A 43 -20.67 -3.00 18.40
N GLU A 44 -21.92 -3.05 18.86
CA GLU A 44 -22.99 -3.60 18.04
C GLU A 44 -23.28 -2.72 16.82
N ASN A 45 -23.04 -1.42 16.94
CA ASN A 45 -23.18 -0.50 15.82
C ASN A 45 -21.85 -0.19 15.14
N LEU A 46 -20.75 -0.75 15.63
CA LEU A 46 -19.45 -0.56 15.00
C LEU A 46 -19.31 -1.43 13.75
N ILE A 47 -19.67 -2.70 13.85
CA ILE A 47 -19.45 -3.66 12.80
C ILE A 47 -20.78 -4.11 12.22
N LYS A 48 -20.72 -4.62 10.99
CA LYS A 48 -21.89 -5.16 10.30
C LYS A 48 -21.44 -6.39 9.53
N PRO A 49 -21.34 -7.55 10.19
CA PRO A 49 -20.93 -8.77 9.48
C PRO A 49 -21.98 -9.19 8.47
N LYS A 50 -21.52 -9.67 7.32
CA LYS A 50 -22.40 -10.03 6.22
C LYS A 50 -22.31 -11.50 5.89
N GLU A 51 -23.46 -12.12 5.69
CA GLU A 51 -23.52 -13.48 5.14
C GLU A 51 -22.80 -13.55 3.80
N GLN A 52 -23.04 -12.58 2.93
CA GLN A 52 -22.44 -12.52 1.62
C GLN A 52 -22.36 -11.06 1.19
N VAL A 53 -21.75 -10.82 0.04
CA VAL A 53 -21.70 -9.49 -0.56
C VAL A 53 -22.20 -9.61 -2.00
N ASP A 54 -22.91 -8.59 -2.46
CA ASP A 54 -23.54 -8.60 -3.78
C ASP A 54 -22.86 -7.55 -4.65
N VAL A 55 -22.02 -8.02 -5.57
CA VAL A 55 -21.35 -7.14 -6.51
C VAL A 55 -22.35 -6.77 -7.61
N GLN A 56 -22.72 -5.49 -7.68
CA GLN A 56 -23.69 -5.01 -8.64
C GLN A 56 -22.98 -4.36 -9.82
N VAL A 57 -23.44 -4.67 -11.03
CA VAL A 57 -22.86 -4.12 -12.25
C VAL A 57 -23.99 -3.78 -13.22
N SER A 58 -23.92 -2.58 -13.80
CA SER A 58 -24.89 -2.14 -14.80
C SER A 58 -24.12 -1.51 -15.95
N TRP A 59 -24.72 -1.57 -17.14
CA TRP A 59 -24.03 -1.11 -18.34
C TRP A 59 -25.02 -0.58 -19.35
N ASN A 60 -24.49 0.20 -20.30
CA ASN A 60 -25.25 0.67 -21.46
C ASN A 60 -24.56 0.19 -22.72
N VAL A 61 -25.31 0.15 -23.82
CA VAL A 61 -24.86 -0.44 -25.06
C VAL A 61 -24.72 0.66 -26.12
N TRP A 62 -23.56 0.71 -26.76
CA TRP A 62 -23.32 1.56 -27.91
C TRP A 62 -22.81 0.70 -29.05
N ASN A 63 -22.94 1.22 -30.28
CA ASN A 63 -22.39 0.60 -31.48
C ASN A 63 -23.04 -0.76 -31.73
N GLY A 64 -24.36 -0.74 -31.86
CA GLY A 64 -25.14 -1.91 -32.24
C GLY A 64 -26.20 -2.24 -31.21
N ASP A 65 -26.70 -3.47 -31.32
CA ASP A 65 -27.78 -3.94 -30.47
C ASP A 65 -27.24 -4.47 -29.15
N ILE A 66 -28.15 -4.86 -28.26
CA ILE A 66 -27.78 -5.27 -26.90
C ILE A 66 -27.37 -6.73 -26.81
N GLY A 67 -27.49 -7.50 -27.89
CA GLY A 67 -27.12 -8.90 -27.88
C GLY A 67 -28.21 -9.79 -27.31
N ASP A 68 -28.06 -11.09 -27.57
CA ASP A 68 -29.06 -12.06 -27.14
C ASP A 68 -28.87 -12.49 -25.70
N ILE A 69 -27.62 -12.72 -25.27
CA ILE A 69 -27.32 -13.17 -23.93
C ILE A 69 -26.16 -12.35 -23.38
N ALA A 70 -26.14 -12.20 -22.05
CA ALA A 70 -25.17 -11.36 -21.36
C ALA A 70 -24.42 -12.18 -20.32
N TYR A 71 -23.10 -11.99 -20.26
CA TYR A 71 -22.25 -12.65 -19.28
C TYR A 71 -21.49 -11.61 -18.47
N VAL A 72 -21.08 -12.02 -17.27
CA VAL A 72 -20.19 -11.24 -16.41
C VAL A 72 -18.97 -12.10 -16.12
N LEU A 73 -17.79 -11.50 -16.21
CA LEU A 73 -16.54 -12.24 -16.15
C LEU A 73 -15.68 -11.72 -15.00
N PHE A 74 -15.30 -12.62 -14.09
CA PHE A 74 -14.40 -12.29 -12.99
C PHE A 74 -13.06 -13.01 -13.13
N ASP A 75 -12.35 -12.76 -14.24
CA ASP A 75 -11.03 -13.28 -14.64
C ASP A 75 -11.10 -13.87 -16.04
N GLU A 76 -11.99 -13.34 -16.88
CA GLU A 76 -12.34 -13.93 -18.17
C GLU A 76 -12.98 -15.31 -18.01
N GLN A 77 -13.52 -15.60 -16.84
CA GLN A 77 -14.25 -16.83 -16.57
C GLN A 77 -15.64 -16.48 -16.07
N GLN A 78 -16.63 -17.26 -16.50
CA GLN A 78 -18.03 -16.92 -16.28
C GLN A 78 -18.38 -16.95 -14.80
N VAL A 79 -19.17 -15.96 -14.36
CA VAL A 79 -19.66 -15.90 -12.99
C VAL A 79 -21.14 -15.50 -12.99
N TRP A 80 -21.69 -15.18 -14.16
CA TRP A 80 -23.07 -14.73 -14.24
C TRP A 80 -23.55 -14.84 -15.69
N LYS A 81 -24.86 -15.02 -15.84
CA LYS A 81 -25.49 -15.00 -17.15
C LYS A 81 -26.98 -14.69 -16.97
N GLY A 82 -27.57 -14.06 -17.98
CA GLY A 82 -28.97 -13.70 -17.93
C GLY A 82 -29.46 -12.98 -19.16
N ASP A 83 -30.41 -12.06 -18.98
CA ASP A 83 -30.97 -11.30 -20.09
C ASP A 83 -30.18 -10.02 -20.31
N ALA A 84 -29.81 -9.76 -21.56
CA ALA A 84 -29.10 -8.54 -21.90
C ALA A 84 -30.01 -7.32 -21.91
N GLU A 85 -31.33 -7.52 -21.99
CA GLU A 85 -32.26 -6.39 -21.93
C GLU A 85 -32.23 -5.71 -20.58
N SER A 86 -31.96 -6.47 -19.51
CA SER A 86 -31.95 -5.90 -18.17
C SER A 86 -30.81 -4.91 -17.98
N LYS A 87 -29.68 -5.14 -18.65
CA LYS A 87 -28.49 -4.30 -18.52
C LYS A 87 -28.04 -4.19 -17.06
N ARG A 88 -28.28 -5.24 -16.29
CA ARG A 88 -27.93 -5.24 -14.87
C ARG A 88 -27.60 -6.67 -14.46
N ALA A 89 -26.69 -6.79 -13.50
CA ALA A 89 -26.31 -8.09 -12.98
C ALA A 89 -25.88 -7.94 -11.53
N THR A 90 -26.25 -8.91 -10.70
CA THR A 90 -25.88 -8.95 -9.30
C THR A 90 -25.21 -10.29 -9.02
N ILE A 91 -23.95 -10.24 -8.59
CA ILE A 91 -23.14 -11.43 -8.40
C ILE A 91 -22.88 -11.62 -6.91
N LYS A 92 -23.11 -12.83 -6.41
CA LYS A 92 -22.84 -13.17 -5.03
C LYS A 92 -21.38 -13.56 -4.87
N VAL A 93 -20.67 -12.88 -3.98
CA VAL A 93 -19.27 -13.14 -3.69
C VAL A 93 -19.13 -13.49 -2.21
N LEU A 94 -18.42 -14.58 -1.92
CA LEU A 94 -18.27 -15.06 -0.56
C LEU A 94 -16.88 -14.86 0.03
N VAL A 95 -15.87 -14.66 -0.80
CA VAL A 95 -14.50 -14.54 -0.33
C VAL A 95 -13.94 -13.18 -0.74
N SER A 96 -13.00 -12.68 0.06
CA SER A 96 -12.37 -11.40 -0.23
C SER A 96 -11.39 -11.54 -1.39
N GLY A 97 -11.02 -10.41 -1.97
CA GLY A 97 -10.08 -10.39 -3.06
C GLY A 97 -10.41 -9.30 -4.05
N GLN A 98 -9.47 -9.07 -4.96
CA GLN A 98 -9.61 -8.08 -6.02
C GLN A 98 -9.58 -8.77 -7.38
N PHE A 99 -10.44 -8.32 -8.28
CA PHE A 99 -10.58 -8.96 -9.58
C PHE A 99 -11.17 -7.97 -10.57
N ASN A 100 -10.90 -8.21 -11.85
CA ASN A 100 -11.42 -7.38 -12.93
C ASN A 100 -12.76 -7.92 -13.39
N MET A 101 -13.77 -7.05 -13.45
CA MET A 101 -15.11 -7.41 -13.87
C MET A 101 -15.40 -6.83 -15.24
N ARG A 102 -15.84 -7.68 -16.17
CA ARG A 102 -16.21 -7.27 -17.51
C ARG A 102 -17.60 -7.80 -17.84
N VAL A 103 -18.32 -7.05 -18.68
CA VAL A 103 -19.60 -7.48 -19.22
C VAL A 103 -19.38 -7.95 -20.64
N LYS A 104 -19.88 -9.14 -20.97
CA LYS A 104 -19.67 -9.77 -22.27
C LYS A 104 -21.03 -10.08 -22.88
N LEU A 105 -21.44 -9.29 -23.85
CA LEU A 105 -22.68 -9.52 -24.59
C LEU A 105 -22.39 -10.41 -25.79
N CYS A 106 -23.14 -11.52 -25.90
CA CYS A 106 -22.92 -12.50 -26.95
C CYS A 106 -24.22 -12.75 -27.70
N ASN A 107 -24.08 -13.14 -28.96
CA ASN A 107 -25.23 -13.56 -29.76
C ASN A 107 -24.71 -14.46 -30.89
N GLU A 108 -25.51 -14.59 -31.96
CA GLU A 108 -25.13 -15.48 -33.06
C GLU A 108 -23.91 -14.94 -33.80
N ASP A 109 -23.80 -13.63 -33.96
CA ASP A 109 -22.68 -13.03 -34.68
C ASP A 109 -21.36 -13.31 -33.96
N GLY A 110 -21.16 -12.67 -32.83
CA GLY A 110 -19.96 -12.87 -32.05
C GLY A 110 -20.19 -12.41 -30.62
N CYS A 111 -19.13 -11.93 -30.00
CA CYS A 111 -19.21 -11.43 -28.63
C CYS A 111 -18.44 -10.14 -28.51
N SER A 112 -18.95 -9.23 -27.69
CA SER A 112 -18.28 -7.96 -27.39
C SER A 112 -17.89 -7.93 -25.92
N VAL A 113 -16.73 -7.35 -25.63
CA VAL A 113 -16.18 -7.31 -24.28
C VAL A 113 -16.06 -5.86 -23.84
N SER A 114 -16.55 -5.56 -22.64
CA SER A 114 -16.47 -4.23 -22.10
C SER A 114 -15.06 -3.94 -21.59
N ASP A 115 -14.79 -2.66 -21.34
CA ASP A 115 -13.53 -2.30 -20.69
C ASP A 115 -13.58 -2.73 -19.23
N PRO A 116 -12.51 -3.35 -18.72
CA PRO A 116 -12.56 -3.90 -17.37
C PRO A 116 -12.51 -2.83 -16.29
N VAL A 117 -13.18 -3.11 -15.18
CA VAL A 117 -13.07 -2.33 -13.96
C VAL A 117 -12.63 -3.27 -12.85
N LEU A 118 -12.02 -2.70 -11.82
CA LEU A 118 -11.48 -3.47 -10.71
C LEU A 118 -12.43 -3.40 -9.52
N VAL A 119 -12.77 -4.56 -8.97
CA VAL A 119 -13.66 -4.68 -7.82
C VAL A 119 -12.85 -5.12 -6.62
N LYS A 120 -13.12 -4.52 -5.46
CA LYS A 120 -12.46 -4.88 -4.22
C LYS A 120 -13.49 -5.42 -3.24
N VAL A 121 -13.27 -6.65 -2.77
CA VAL A 121 -14.09 -7.27 -1.73
C VAL A 121 -13.22 -7.42 -0.49
N ALA A 122 -13.62 -6.76 0.59
CA ALA A 122 -12.81 -6.70 1.80
C ALA A 122 -13.33 -7.67 2.85
N ASP A 123 -12.41 -8.18 3.67
CA ASP A 123 -12.72 -9.06 4.77
C ASP A 123 -11.55 -9.04 5.74
N THR A 124 -11.80 -9.52 6.96
CA THR A 124 -10.77 -9.44 8.00
C THR A 124 -9.64 -10.44 7.80
N ASP A 125 -9.62 -11.19 6.70
CA ASP A 125 -8.48 -12.05 6.40
C ASP A 125 -7.37 -11.29 5.68
N GLY A 126 -7.59 -10.05 5.29
CA GLY A 126 -6.56 -9.27 4.65
C GLY A 126 -6.36 -9.56 3.18
N GLY A 127 -7.31 -10.23 2.53
CA GLY A 127 -7.17 -10.55 1.12
C GLY A 127 -7.17 -9.33 0.22
N HIS A 128 -7.66 -8.20 0.70
CA HIS A 128 -7.68 -6.96 -0.06
C HIS A 128 -6.50 -6.05 0.26
N LEU A 129 -5.66 -6.43 1.20
CA LEU A 129 -4.57 -5.58 1.67
C LEU A 129 -3.23 -6.07 1.14
N ALA A 130 -2.26 -5.15 1.11
CA ALA A 130 -0.88 -5.39 0.75
C ALA A 130 -0.04 -5.59 2.00
N PRO A 131 1.03 -6.38 1.91
CA PRO A 131 1.84 -6.67 3.10
C PRO A 131 2.40 -5.41 3.75
N LEU A 132 2.28 -5.36 5.08
CA LEU A 132 2.85 -4.28 5.88
C LEU A 132 4.13 -4.80 6.52
N GLU A 133 5.25 -4.55 5.86
CA GLU A 133 6.53 -5.06 6.33
C GLU A 133 7.08 -4.18 7.44
N TYR A 134 7.73 -4.82 8.42
CA TYR A 134 8.34 -4.10 9.53
C TYR A 134 9.70 -3.54 9.12
N THR A 135 9.82 -2.21 9.12
CA THR A 135 11.11 -1.57 8.93
C THR A 135 11.87 -1.57 10.25
N TRP A 136 13.09 -2.09 10.23
CA TRP A 136 13.85 -2.32 11.46
C TRP A 136 14.18 -0.99 12.15
N LEU A 137 13.63 -0.81 13.35
CA LEU A 137 13.83 0.40 14.13
C LEU A 137 14.65 0.10 15.38
N GLU A 138 15.29 1.14 15.90
CA GLU A 138 16.07 1.09 17.14
C GLU A 138 17.17 0.04 16.99
N ASN A 139 17.31 -0.91 17.91
CA ASN A 139 18.38 -1.89 17.88
C ASN A 139 17.90 -3.28 17.50
N ASN A 140 16.66 -3.41 17.02
CA ASN A 140 16.16 -4.71 16.60
C ASN A 140 16.90 -5.18 15.34
N LYS A 141 17.33 -6.43 15.35
CA LYS A 141 17.99 -7.01 14.19
C LYS A 141 17.63 -8.49 14.11
N PRO A 142 17.57 -9.08 12.90
CA PRO A 142 17.28 -10.50 12.68
C PRO A 142 18.22 -11.42 13.43
N GLY A 143 17.79 -12.64 13.75
CA GLY A 143 16.47 -13.12 13.39
C GLY A 143 15.61 -13.57 14.56
N ARG A 144 14.95 -14.71 14.41
CA ARG A 144 13.99 -15.21 15.38
C ARG A 144 14.36 -16.61 15.83
N ARG A 145 14.09 -16.90 17.11
CA ARG A 145 14.27 -18.23 17.66
C ARG A 145 13.08 -19.09 17.25
N GLU A 146 13.30 -20.01 16.31
CA GLU A 146 12.20 -20.72 15.67
C GLU A 146 11.79 -21.99 16.39
N ASP A 147 12.71 -22.65 17.08
CA ASP A 147 12.36 -23.88 17.80
C ASP A 147 11.75 -23.61 19.16
N LYS A 148 11.68 -22.35 19.59
CA LYS A 148 11.08 -21.98 20.87
C LYS A 148 10.09 -20.86 20.66
N ILE A 149 9.13 -20.76 21.57
CA ILE A 149 8.07 -19.76 21.47
C ILE A 149 8.61 -18.40 21.90
N VAL A 150 8.52 -17.42 21.00
CA VAL A 150 8.92 -16.05 21.28
C VAL A 150 7.67 -15.19 21.12
N ALA A 151 7.00 -14.88 22.22
CA ALA A 151 5.76 -14.12 22.21
C ALA A 151 6.00 -12.73 22.80
N ALA A 152 5.03 -11.84 22.56
CA ALA A 152 5.09 -10.50 23.08
C ALA A 152 3.67 -9.94 23.13
N TYR A 153 3.46 -9.00 24.05
CA TYR A 153 2.15 -8.38 24.24
C TYR A 153 2.13 -7.01 23.59
N PHE A 154 1.12 -6.78 22.75
CA PHE A 154 0.88 -5.47 22.15
C PHE A 154 -0.30 -4.82 22.84
N VAL A 155 -0.09 -3.62 23.39
CA VAL A 155 -1.14 -2.92 24.12
C VAL A 155 -2.03 -2.19 23.14
N GLU A 156 -3.34 -2.22 23.41
CA GLU A 156 -4.29 -1.53 22.54
C GLU A 156 -4.14 -0.03 22.63
N TRP A 157 -3.88 0.50 23.82
CA TRP A 157 -3.73 1.93 24.05
C TRP A 157 -2.33 2.44 23.72
N GLY A 158 -1.51 1.66 23.04
CA GLY A 158 -0.16 2.07 22.72
C GLY A 158 -0.03 3.06 21.59
N VAL A 159 -1.12 3.35 20.87
CA VAL A 159 -1.07 4.30 19.76
C VAL A 159 -1.16 5.75 20.21
N TYR A 160 -1.49 5.99 21.48
CA TYR A 160 -1.63 7.36 21.97
C TYR A 160 -0.29 7.91 22.45
N GLY A 161 -0.14 8.07 23.77
CA GLY A 161 1.08 8.65 24.30
C GLY A 161 2.31 7.83 23.99
N ARG A 162 2.18 6.50 24.00
CA ARG A 162 3.32 5.65 23.68
C ARG A 162 3.72 5.76 22.22
N ASN A 163 2.77 6.03 21.32
CA ASN A 163 3.03 6.21 19.89
C ASN A 163 3.76 4.98 19.33
N PHE A 164 3.11 3.83 19.45
CA PHE A 164 3.68 2.56 19.01
C PHE A 164 2.61 1.74 18.31
N PRO A 165 2.33 2.04 17.05
CA PRO A 165 1.37 1.24 16.29
C PRO A 165 1.99 -0.07 15.84
N VAL A 166 1.19 -0.87 15.12
CA VAL A 166 1.62 -2.21 14.72
C VAL A 166 2.83 -2.15 13.80
N ASP A 167 2.92 -1.11 12.95
CA ASP A 167 4.04 -0.99 12.04
C ASP A 167 5.38 -0.78 12.75
N LYS A 168 5.37 -0.62 14.07
CA LYS A 168 6.60 -0.54 14.86
C LYS A 168 6.91 -1.83 15.60
N VAL A 169 6.04 -2.82 15.55
CA VAL A 169 6.21 -4.03 16.35
C VAL A 169 7.19 -4.96 15.64
N PRO A 170 8.24 -5.43 16.32
CA PRO A 170 9.22 -6.31 15.67
C PRO A 170 8.66 -7.70 15.40
N LEU A 171 7.72 -7.80 14.47
CA LEU A 171 7.09 -9.08 14.19
C LEU A 171 8.03 -10.13 13.61
N PRO A 172 9.01 -9.81 12.76
CA PRO A 172 9.93 -10.87 12.29
C PRO A 172 10.64 -11.64 13.40
N ASN A 173 10.79 -11.05 14.59
CA ASN A 173 11.40 -11.72 15.72
C ASN A 173 10.37 -12.26 16.71
N LEU A 174 9.14 -12.46 16.26
CA LEU A 174 8.06 -12.91 17.14
C LEU A 174 7.29 -14.04 16.48
N SER A 175 6.98 -15.07 17.28
CA SER A 175 6.10 -16.15 16.84
C SER A 175 4.66 -15.94 17.25
N HIS A 176 4.43 -15.22 18.35
CA HIS A 176 3.08 -14.85 18.78
C HIS A 176 3.03 -13.36 19.05
N LEU A 177 1.91 -12.74 18.66
CA LEU A 177 1.60 -11.35 18.99
C LEU A 177 0.31 -11.36 19.78
N LEU A 178 0.40 -11.01 21.05
CA LEU A 178 -0.74 -11.08 21.96
C LEU A 178 -1.37 -9.70 22.07
N TYR A 179 -2.61 -9.59 21.61
CA TYR A 179 -3.33 -8.33 21.58
C TYR A 179 -4.10 -8.16 22.88
N GLY A 180 -3.66 -7.24 23.73
CA GLY A 180 -4.33 -6.96 24.97
C GLY A 180 -4.90 -5.55 25.03
N PHE A 181 -6.15 -5.43 25.46
CA PHE A 181 -6.96 -6.58 25.86
C PHE A 181 -8.35 -6.54 25.24
N ILE A 182 -8.96 -7.71 25.10
CA ILE A 182 -10.33 -7.84 24.62
C ILE A 182 -11.24 -7.85 25.84
N PRO A 183 -12.10 -6.85 26.02
CA PRO A 183 -12.89 -6.76 27.25
C PRO A 183 -14.10 -7.68 27.23
N ILE A 184 -14.73 -7.77 28.40
CA ILE A 184 -16.00 -8.46 28.57
C ILE A 184 -17.02 -7.45 29.06
N CYS A 185 -18.15 -7.35 28.36
CA CYS A 185 -19.15 -6.34 28.67
C CYS A 185 -19.72 -6.55 30.07
N GLY A 186 -20.09 -5.45 30.70
CA GLY A 186 -20.63 -5.48 32.05
C GLY A 186 -20.63 -4.12 32.71
N GLY A 187 -21.64 -3.86 33.54
CA GLY A 187 -21.78 -2.58 34.22
C GLY A 187 -21.25 -2.62 35.64
N ASP A 188 -22.00 -2.01 36.55
CA ASP A 188 -21.60 -1.99 37.94
C ASP A 188 -21.58 -3.40 38.51
N GLY A 189 -20.52 -3.70 39.27
CA GLY A 189 -20.34 -5.02 39.84
C GLY A 189 -19.70 -6.03 38.92
N ILE A 190 -19.76 -5.83 37.61
CA ILE A 190 -19.18 -6.76 36.66
C ILE A 190 -17.82 -6.30 36.15
N ASN A 191 -17.53 -5.00 36.18
CA ASN A 191 -16.23 -4.48 35.78
C ASN A 191 -15.87 -3.28 36.66
N ASP A 192 -16.00 -3.44 37.98
CA ASP A 192 -15.63 -2.38 38.90
C ASP A 192 -14.14 -2.09 38.88
N ALA A 193 -13.32 -3.05 38.45
CA ALA A 193 -11.87 -2.84 38.42
C ALA A 193 -11.49 -1.74 37.45
N LEU A 194 -12.29 -1.54 36.40
CA LEU A 194 -12.00 -0.47 35.44
C LEU A 194 -12.18 0.91 36.06
N LYS A 195 -12.99 1.02 37.12
CA LYS A 195 -13.19 2.30 37.78
C LYS A 195 -11.92 2.80 38.47
N THR A 196 -10.90 1.95 38.62
CA THR A 196 -9.61 2.41 39.13
C THR A 196 -8.94 3.36 38.15
N ILE A 197 -9.25 3.24 36.86
CA ILE A 197 -8.73 4.13 35.83
C ILE A 197 -9.86 5.06 35.39
N SER A 198 -9.61 6.36 35.43
CA SER A 198 -10.63 7.33 35.09
C SER A 198 -10.93 7.27 33.58
N GLY A 199 -12.22 7.20 33.24
CA GLY A 199 -12.65 7.12 31.87
C GLY A 199 -12.58 5.74 31.24
N SER A 200 -11.86 4.79 31.86
CA SER A 200 -11.75 3.46 31.28
C SER A 200 -13.03 2.67 31.46
N PHE A 201 -13.67 2.80 32.62
CA PHE A 201 -14.93 2.10 32.85
C PHE A 201 -16.04 2.65 31.96
N GLU A 202 -16.12 3.97 31.83
CA GLU A 202 -17.14 4.58 31.01
C GLU A 202 -16.93 4.27 29.53
N SER A 203 -15.68 4.11 29.11
CA SER A 203 -15.40 3.76 27.72
C SER A 203 -15.94 2.38 27.37
N LEU A 204 -15.89 1.45 28.33
CA LEU A 204 -16.44 0.11 28.08
C LEU A 204 -17.96 0.12 28.04
N GLN A 205 -18.59 0.98 28.85
CA GLN A 205 -20.04 1.06 28.86
C GLN A 205 -20.58 1.58 27.52
N ARG A 206 -19.99 2.67 27.02
CA ARG A 206 -20.41 3.21 25.73
C ARG A 206 -19.96 2.32 24.57
N SER A 207 -19.00 1.42 24.80
CA SER A 207 -18.65 0.43 23.79
C SER A 207 -19.62 -0.76 23.81
N CYS A 208 -20.23 -1.03 24.96
CA CYS A 208 -21.23 -2.07 25.11
C CYS A 208 -22.65 -1.50 25.12
N LYS A 209 -22.88 -0.39 24.43
CA LYS A 209 -24.22 0.20 24.37
C LYS A 209 -25.12 -0.66 23.49
N GLY A 210 -26.29 -1.04 24.03
CA GLY A 210 -27.17 -1.96 23.36
C GLY A 210 -26.75 -3.41 23.44
N ARG A 211 -25.48 -3.68 23.74
CA ARG A 211 -24.99 -5.03 23.96
C ARG A 211 -25.01 -5.33 25.45
N GLU A 212 -25.60 -6.46 25.84
CA GLU A 212 -25.73 -6.75 27.25
C GLU A 212 -24.61 -7.69 27.73
N ASP A 213 -24.58 -7.88 29.05
CA ASP A 213 -23.36 -8.24 29.76
C ASP A 213 -22.83 -9.62 29.34
N PHE A 214 -21.55 -9.84 29.67
CA PHE A 214 -20.86 -11.12 29.52
C PHE A 214 -20.64 -11.51 28.06
N LYS A 215 -20.62 -10.53 27.15
CA LYS A 215 -20.26 -10.75 25.75
C LYS A 215 -18.98 -10.00 25.44
N VAL A 216 -18.14 -10.59 24.58
CA VAL A 216 -16.90 -9.93 24.21
C VAL A 216 -17.20 -8.72 23.34
N ALA A 217 -16.28 -7.76 23.37
CA ALA A 217 -16.42 -6.53 22.59
C ALA A 217 -15.03 -5.94 22.39
N ILE A 218 -14.98 -4.64 22.12
CA ILE A 218 -13.72 -3.91 21.97
C ILE A 218 -13.76 -2.72 22.92
N HIS A 219 -12.69 -2.56 23.71
CA HIS A 219 -12.66 -1.47 24.69
C HIS A 219 -12.67 -0.12 23.99
N ASP A 220 -11.80 0.08 23.01
CA ASP A 220 -11.73 1.32 22.24
C ASP A 220 -11.79 0.99 20.76
N PRO A 221 -12.94 1.21 20.11
CA PRO A 221 -13.03 0.92 18.67
C PRO A 221 -12.23 1.88 17.81
N TRP A 222 -11.86 3.05 18.34
CA TRP A 222 -11.07 4.00 17.56
C TRP A 222 -9.69 3.46 17.25
N ALA A 223 -8.89 3.19 18.29
CA ALA A 223 -7.54 2.67 18.09
C ALA A 223 -7.55 1.28 17.48
N ALA A 224 -8.64 0.53 17.63
CA ALA A 224 -8.66 -0.86 17.18
C ALA A 224 -8.87 -0.97 15.67
N VAL A 225 -9.84 -0.24 15.13
CA VAL A 225 -10.24 -0.46 13.74
C VAL A 225 -10.52 0.87 13.03
N GLN A 226 -10.58 1.97 13.78
CA GLN A 226 -10.96 3.25 13.21
C GLN A 226 -9.80 4.21 13.01
N LYS A 227 -8.80 4.21 13.89
CA LYS A 227 -7.74 5.21 13.82
C LYS A 227 -6.91 5.03 12.56
N PRO A 228 -6.68 6.08 11.77
CA PRO A 228 -5.84 5.95 10.57
C PRO A 228 -4.39 5.68 10.95
N GLN A 229 -3.81 4.65 10.34
CA GLN A 229 -2.43 4.27 10.59
C GLN A 229 -1.75 3.99 9.26
N LYS A 230 -0.48 3.57 9.35
CA LYS A 230 0.31 3.31 8.15
C LYS A 230 -0.28 2.14 7.37
N SER A 231 -0.29 2.28 6.04
CA SER A 231 -0.77 1.26 5.11
C SER A 231 -2.27 1.04 5.24
N VAL A 232 -2.93 1.79 6.11
CA VAL A 232 -4.38 1.75 6.22
C VAL A 232 -4.91 3.16 6.45
N SER A 233 -4.32 4.13 5.73
CA SER A 233 -4.66 5.54 5.91
C SER A 233 -5.64 6.05 4.86
N ALA A 234 -6.14 5.19 3.98
CA ALA A 234 -7.05 5.64 2.95
C ALA A 234 -8.38 6.08 3.55
N TRP A 235 -9.08 6.96 2.82
CA TRP A 235 -10.36 7.47 3.29
C TRP A 235 -11.45 6.41 3.18
N ASN A 236 -11.41 5.60 2.13
CA ASN A 236 -12.34 4.48 1.95
C ASN A 236 -11.78 3.17 2.50
N GLU A 237 -10.83 3.24 3.42
CA GLU A 237 -10.20 2.04 3.96
C GLU A 237 -11.22 1.23 4.73
N PRO A 238 -11.47 -0.03 4.36
CA PRO A 238 -12.47 -0.83 5.10
C PRO A 238 -12.07 -1.10 6.53
N TYR A 239 -10.78 -1.33 6.80
CA TYR A 239 -10.30 -1.64 8.14
C TYR A 239 -9.05 -0.82 8.41
N LYS A 240 -9.09 -0.01 9.48
CA LYS A 240 -7.94 0.77 9.90
C LYS A 240 -7.50 0.33 11.30
N GLY A 241 -6.83 1.22 12.03
CA GLY A 241 -6.46 0.97 13.41
C GLY A 241 -5.51 -0.21 13.58
N ASN A 242 -5.49 -0.72 14.80
CA ASN A 242 -4.63 -1.86 15.12
C ASN A 242 -5.07 -3.11 14.37
N PHE A 243 -6.38 -3.33 14.26
CA PHE A 243 -6.88 -4.54 13.59
C PHE A 243 -6.53 -4.54 12.11
N GLY A 244 -6.67 -3.39 11.44
CA GLY A 244 -6.36 -3.33 10.02
C GLY A 244 -4.89 -3.60 9.73
N GLN A 245 -4.00 -3.05 10.55
CA GLN A 245 -2.57 -3.28 10.34
C GLN A 245 -2.21 -4.74 10.60
N LEU A 246 -2.84 -5.37 11.60
CA LEU A 246 -2.55 -6.77 11.89
C LEU A 246 -2.97 -7.68 10.74
N MET A 247 -3.98 -7.29 9.97
CA MET A 247 -4.34 -8.05 8.78
C MET A 247 -3.22 -8.00 7.75
N ALA A 248 -2.71 -6.80 7.46
CA ALA A 248 -1.64 -6.66 6.49
C ALA A 248 -0.31 -7.18 7.04
N ALA A 249 -0.15 -7.17 8.36
CA ALA A 249 1.11 -7.63 8.96
C ALA A 249 1.26 -9.14 8.81
N LYS A 250 0.17 -9.89 8.96
CA LYS A 250 0.24 -11.33 8.79
C LYS A 250 0.62 -11.73 7.38
N LEU A 251 0.40 -10.86 6.40
CA LEU A 251 0.83 -11.15 5.04
C LEU A 251 2.33 -10.96 4.88
N ALA A 252 2.88 -9.90 5.47
CA ALA A 252 4.33 -9.71 5.46
C ALA A 252 5.03 -10.68 6.39
N ASN A 253 4.34 -11.13 7.44
CA ASN A 253 4.87 -12.09 8.40
C ASN A 253 3.95 -13.31 8.42
N PRO A 254 4.06 -14.20 7.43
CA PRO A 254 3.18 -15.37 7.42
C PRO A 254 3.45 -16.33 8.56
N HIS A 255 4.66 -16.33 9.10
CA HIS A 255 4.95 -17.16 10.27
C HIS A 255 4.20 -16.68 11.49
N LEU A 256 3.90 -15.38 11.56
CA LEU A 256 3.34 -14.79 12.76
C LEU A 256 1.93 -15.31 13.02
N LYS A 257 1.65 -15.59 14.30
CA LYS A 257 0.33 -15.99 14.75
C LYS A 257 -0.13 -15.00 15.81
N ILE A 258 -1.36 -14.51 15.66
CA ILE A 258 -1.91 -13.46 16.51
C ILE A 258 -3.01 -14.04 17.37
N LEU A 259 -2.99 -13.72 18.66
CA LEU A 259 -3.96 -14.23 19.61
C LEU A 259 -4.62 -13.07 20.36
N PRO A 260 -5.94 -13.10 20.52
CA PRO A 260 -6.61 -12.05 21.30
C PRO A 260 -6.60 -12.35 22.80
N SER A 261 -6.07 -11.42 23.59
CA SER A 261 -5.98 -11.60 25.03
C SER A 261 -7.26 -11.07 25.67
N ILE A 262 -8.05 -11.97 26.23
CA ILE A 262 -9.31 -11.62 26.87
C ILE A 262 -9.05 -11.47 28.36
N GLY A 263 -9.17 -10.24 28.87
CA GLY A 263 -9.01 -10.00 30.29
C GLY A 263 -7.91 -9.02 30.63
N GLY A 264 -6.93 -9.47 31.40
CA GLY A 264 -5.89 -8.60 31.90
C GLY A 264 -6.08 -8.26 33.37
N TRP A 265 -5.37 -7.22 33.79
CA TRP A 265 -5.45 -6.82 35.20
C TRP A 265 -6.79 -6.19 35.52
N THR A 266 -7.30 -5.32 34.65
CA THR A 266 -8.53 -4.60 34.93
C THR A 266 -9.77 -5.29 34.40
N LEU A 267 -9.65 -6.08 33.33
CA LEU A 267 -10.79 -6.68 32.66
C LEU A 267 -11.03 -8.12 33.08
N SER A 268 -10.52 -8.53 34.25
CA SER A 268 -10.68 -9.91 34.71
C SER A 268 -11.92 -10.12 35.57
N ASP A 269 -12.61 -9.05 35.95
CA ASP A 269 -13.75 -9.19 36.87
C ASP A 269 -14.87 -10.08 36.34
N PRO A 270 -15.30 -10.00 35.08
CA PRO A 270 -16.41 -10.88 34.64
C PRO A 270 -16.08 -12.35 34.68
N PHE A 271 -14.80 -12.74 34.78
CA PHE A 271 -14.46 -14.15 34.86
C PHE A 271 -15.01 -14.79 36.13
N TYR A 272 -14.97 -14.05 37.24
CA TYR A 272 -15.39 -14.61 38.53
C TYR A 272 -16.87 -14.97 38.54
N PHE A 273 -17.67 -14.40 37.65
CA PHE A 273 -19.10 -14.66 37.61
C PHE A 273 -19.48 -15.83 36.69
N MET A 274 -18.53 -16.38 35.95
CA MET A 274 -18.84 -17.42 34.98
C MET A 274 -19.05 -18.80 35.61
N HIS A 275 -19.17 -18.87 36.93
CA HIS A 275 -19.68 -20.07 37.56
C HIS A 275 -21.17 -20.25 37.30
N ASP A 276 -21.87 -19.16 36.98
CA ASP A 276 -23.32 -19.17 36.84
C ASP A 276 -23.72 -19.87 35.54
N VAL A 277 -25.03 -20.15 35.42
CA VAL A 277 -25.66 -21.01 34.42
C VAL A 277 -24.75 -21.33 33.23
N GLU A 278 -24.27 -20.29 32.57
CA GLU A 278 -23.45 -20.32 31.36
C GLU A 278 -23.58 -18.96 30.68
N LYS A 279 -23.48 -17.89 31.47
CA LYS A 279 -23.00 -16.64 30.91
C LYS A 279 -21.68 -16.87 30.20
N ARG A 280 -20.99 -17.95 30.57
CA ARG A 280 -19.92 -18.53 29.77
C ARG A 280 -20.31 -18.68 28.31
N ASN A 281 -21.52 -19.18 28.04
CA ASN A 281 -21.97 -19.25 26.64
C ASN A 281 -22.15 -17.86 26.06
N VAL A 282 -22.80 -16.96 26.81
CA VAL A 282 -22.81 -15.55 26.44
C VAL A 282 -21.40 -15.05 26.17
N PHE A 283 -20.42 -15.60 26.91
CA PHE A 283 -19.02 -15.34 26.64
C PHE A 283 -18.51 -16.17 25.45
N VAL A 284 -18.64 -17.49 25.54
CA VAL A 284 -18.03 -18.38 24.54
C VAL A 284 -18.65 -18.13 23.16
N ASP A 285 -19.98 -18.10 23.09
CA ASP A 285 -20.63 -17.86 21.80
C ASP A 285 -20.22 -16.51 21.22
N SER A 286 -19.95 -15.53 22.08
CA SER A 286 -19.41 -14.27 21.59
C SER A 286 -17.97 -14.42 21.14
N VAL A 287 -17.19 -15.25 21.84
CA VAL A 287 -15.83 -15.54 21.40
C VAL A 287 -15.84 -16.25 20.05
N LYS A 288 -16.82 -17.13 19.84
CA LYS A 288 -16.86 -17.88 18.59
C LYS A 288 -17.23 -16.99 17.42
N GLU A 289 -18.05 -15.96 17.65
CA GLU A 289 -18.33 -14.99 16.59
C GLU A 289 -17.22 -13.96 16.46
N PHE A 290 -16.59 -13.60 17.58
CA PHE A 290 -15.46 -12.67 17.53
C PHE A 290 -14.32 -13.20 16.65
N LEU A 291 -14.15 -14.52 16.60
CA LEU A 291 -13.06 -15.11 15.83
C LEU A 291 -13.41 -15.34 14.38
N GLN A 292 -14.69 -15.46 14.03
CA GLN A 292 -15.08 -15.53 12.62
C GLN A 292 -15.42 -14.16 12.04
N VAL A 293 -15.76 -13.19 12.89
CA VAL A 293 -15.84 -11.81 12.42
C VAL A 293 -14.45 -11.28 12.15
N TRP A 294 -13.54 -11.42 13.11
CA TRP A 294 -12.15 -11.02 12.97
C TRP A 294 -11.34 -12.29 12.70
N LYS A 295 -11.06 -12.56 11.43
CA LYS A 295 -10.40 -13.81 11.06
C LYS A 295 -8.89 -13.76 11.24
N PHE A 296 -8.29 -12.57 11.38
CA PHE A 296 -6.84 -12.48 11.53
C PHE A 296 -6.35 -13.01 12.87
N PHE A 297 -7.24 -13.23 13.83
CA PHE A 297 -6.86 -13.89 15.07
C PHE A 297 -6.74 -15.40 14.82
N ASP A 298 -5.91 -16.05 15.63
CA ASP A 298 -5.61 -17.47 15.45
C ASP A 298 -5.94 -18.29 16.69
N GLY A 299 -6.79 -17.79 17.56
CA GLY A 299 -7.18 -18.58 18.73
C GLY A 299 -7.76 -17.70 19.82
N VAL A 300 -7.56 -18.13 21.07
CA VAL A 300 -8.04 -17.42 22.25
C VAL A 300 -6.95 -17.43 23.30
N ASP A 301 -6.84 -16.33 24.05
CA ASP A 301 -5.94 -16.25 25.20
C ASP A 301 -6.75 -15.80 26.40
N VAL A 302 -6.79 -16.63 27.44
CA VAL A 302 -7.58 -16.36 28.64
C VAL A 302 -6.64 -15.82 29.70
N ASP A 303 -6.81 -14.55 30.06
CA ASP A 303 -5.97 -13.89 31.05
C ASP A 303 -6.79 -13.57 32.29
N TRP A 304 -7.22 -14.63 32.98
CA TRP A 304 -7.96 -14.48 34.22
C TRP A 304 -6.98 -14.14 35.34
N GLU A 305 -7.15 -12.96 35.94
CA GLU A 305 -6.26 -12.51 36.99
C GLU A 305 -7.03 -12.08 38.24
N PHE A 306 -7.15 -12.98 39.21
CA PHE A 306 -6.63 -14.34 39.13
C PHE A 306 -7.70 -15.30 39.66
N PRO A 307 -7.65 -16.57 39.22
CA PRO A 307 -8.61 -17.55 39.76
C PRO A 307 -8.43 -17.78 41.24
N GLY A 308 -9.33 -17.25 42.05
CA GLY A 308 -9.24 -17.38 43.49
C GLY A 308 -9.04 -16.05 44.19
N GLY A 309 -9.29 -14.96 43.47
CA GLY A 309 -9.14 -13.63 44.04
C GLY A 309 -7.88 -12.94 43.57
N LYS A 310 -7.25 -12.18 44.47
CA LYS A 310 -5.96 -11.51 44.25
C LYS A 310 -6.00 -10.50 43.11
N GLY A 311 -7.13 -10.38 42.42
CA GLY A 311 -7.23 -9.53 41.26
C GLY A 311 -7.22 -8.05 41.61
N ALA A 312 -7.55 -7.24 40.60
CA ALA A 312 -7.67 -5.81 40.82
C ALA A 312 -8.81 -5.47 41.76
N ASN A 313 -9.85 -6.30 41.77
CA ASN A 313 -10.97 -6.12 42.68
C ASN A 313 -10.80 -7.07 43.85
N PRO A 314 -10.47 -6.59 45.05
CA PRO A 314 -10.29 -7.49 46.20
C PRO A 314 -11.59 -8.11 46.69
N SER A 315 -12.75 -7.61 46.28
CA SER A 315 -14.00 -8.15 46.77
C SER A 315 -14.31 -9.52 46.17
N LEU A 316 -13.76 -9.82 45.00
CA LEU A 316 -14.04 -11.08 44.32
C LEU A 316 -13.02 -12.13 44.72
N GLY A 317 -13.45 -13.40 44.64
CA GLY A 317 -12.57 -14.50 44.95
C GLY A 317 -13.26 -15.66 45.66
N ASP A 318 -13.00 -16.87 45.18
CA ASP A 318 -13.49 -18.08 45.84
C ASP A 318 -12.56 -19.21 45.44
N ALA A 319 -11.98 -19.89 46.44
CA ALA A 319 -10.87 -20.82 46.18
C ALA A 319 -11.27 -21.90 45.18
N GLU A 320 -12.21 -22.76 45.56
CA GLU A 320 -12.54 -23.92 44.75
C GLU A 320 -13.78 -23.71 43.88
N ARG A 321 -14.33 -22.51 43.82
CA ARG A 321 -15.27 -22.18 42.77
C ARG A 321 -14.52 -21.78 41.50
N ASP A 322 -13.55 -20.87 41.62
CA ASP A 322 -12.77 -20.44 40.48
C ASP A 322 -11.92 -21.57 39.92
N ALA A 323 -11.45 -22.46 40.79
CA ALA A 323 -10.57 -23.55 40.33
C ALA A 323 -11.30 -24.47 39.36
N LYS A 324 -12.60 -24.68 39.58
CA LYS A 324 -13.40 -25.50 38.66
C LYS A 324 -13.93 -24.67 37.50
N THR A 325 -14.30 -23.41 37.75
CA THR A 325 -14.74 -22.53 36.68
C THR A 325 -13.62 -22.32 35.67
N TYR A 326 -12.39 -22.16 36.15
CA TYR A 326 -11.24 -22.02 35.25
C TYR A 326 -11.06 -23.26 34.39
N ILE A 327 -11.38 -24.44 34.92
CA ILE A 327 -11.28 -25.67 34.13
C ILE A 327 -12.42 -25.75 33.12
N LEU A 328 -13.65 -25.51 33.58
CA LEU A 328 -14.80 -25.57 32.69
C LEU A 328 -14.70 -24.53 31.58
N LEU A 329 -14.13 -23.37 31.86
CA LEU A 329 -13.99 -22.34 30.85
C LEU A 329 -13.06 -22.80 29.72
N LEU A 330 -11.92 -23.39 30.08
CA LEU A 330 -10.97 -23.83 29.07
C LEU A 330 -11.49 -25.04 28.30
N GLU A 331 -12.17 -25.96 28.99
CA GLU A 331 -12.71 -27.14 28.32
C GLU A 331 -13.73 -26.75 27.26
N GLU A 332 -14.61 -25.81 27.57
CA GLU A 332 -15.63 -25.39 26.61
C GLU A 332 -15.06 -24.51 25.51
N LEU A 333 -14.04 -23.69 25.84
CA LEU A 333 -13.40 -22.89 24.80
C LEU A 333 -12.62 -23.77 23.84
N ARG A 334 -11.93 -24.79 24.36
CA ARG A 334 -11.20 -25.71 23.48
C ARG A 334 -12.15 -26.46 22.56
N ALA A 335 -13.29 -26.92 23.10
CA ALA A 335 -14.27 -27.61 22.27
C ALA A 335 -14.87 -26.66 21.23
N MET A 336 -15.08 -25.40 21.61
CA MET A 336 -15.58 -24.41 20.65
C MET A 336 -14.55 -24.16 19.55
N LEU A 337 -13.27 -24.07 19.92
CA LEU A 337 -12.23 -23.89 18.91
C LEU A 337 -12.10 -25.11 18.01
N ASP A 338 -12.36 -26.31 18.54
CA ASP A 338 -12.32 -27.51 17.71
C ASP A 338 -13.40 -27.47 16.62
N ASP A 339 -14.54 -26.83 16.92
CA ASP A 339 -15.56 -26.66 15.89
C ASP A 339 -15.11 -25.67 14.82
N LEU A 340 -14.42 -24.60 15.24
CA LEU A 340 -13.86 -23.67 14.26
C LEU A 340 -12.78 -24.33 13.42
N GLU A 341 -12.03 -25.26 14.00
CA GLU A 341 -10.96 -25.93 13.25
C GLU A 341 -11.53 -26.79 12.12
N ALA A 342 -12.66 -27.46 12.38
CA ALA A 342 -13.27 -28.29 11.34
C ALA A 342 -14.09 -27.47 10.37
N GLN A 343 -14.63 -26.33 10.81
CA GLN A 343 -15.46 -25.51 9.94
C GLN A 343 -14.61 -24.62 9.03
N THR A 344 -13.50 -24.10 9.55
CA THR A 344 -12.63 -23.23 8.77
C THR A 344 -11.42 -23.95 8.18
N GLY A 345 -11.11 -25.15 8.65
CA GLY A 345 -9.93 -25.85 8.18
C GLY A 345 -8.62 -25.36 8.76
N ARG A 346 -8.68 -24.44 9.73
CA ARG A 346 -7.49 -23.87 10.33
C ARG A 346 -7.19 -24.56 11.66
N VAL A 347 -6.08 -24.18 12.28
CA VAL A 347 -5.75 -24.59 13.64
C VAL A 347 -5.90 -23.37 14.54
N TYR A 348 -6.56 -23.58 15.68
CA TYR A 348 -6.84 -22.50 16.63
C TYR A 348 -6.27 -22.88 17.98
N GLU A 349 -5.60 -21.93 18.62
CA GLU A 349 -4.90 -22.18 19.87
C GLU A 349 -5.67 -21.60 21.05
N LEU A 350 -5.51 -22.23 22.20
CA LEU A 350 -6.14 -21.78 23.45
C LEU A 350 -5.04 -21.65 24.49
N THR A 351 -4.62 -20.42 24.76
CA THR A 351 -3.56 -20.15 25.72
C THR A 351 -4.12 -19.44 26.94
N SER A 352 -3.27 -19.29 27.95
CA SER A 352 -3.67 -18.63 29.19
C SER A 352 -2.44 -18.13 29.92
N ALA A 353 -2.50 -16.90 30.40
CA ALA A 353 -1.44 -16.34 31.23
C ALA A 353 -1.81 -16.54 32.70
N ILE A 354 -0.88 -17.11 33.45
CA ILE A 354 -1.10 -17.42 34.86
C ILE A 354 -0.09 -16.66 35.70
N SER A 355 -0.41 -16.51 36.98
CA SER A 355 0.50 -15.86 37.91
C SER A 355 1.64 -16.79 38.28
N ALA A 356 2.77 -16.20 38.65
CA ALA A 356 3.94 -16.94 39.10
C ALA A 356 4.02 -17.04 40.61
N GLY A 357 2.94 -16.70 41.31
CA GLY A 357 2.91 -16.82 42.76
C GLY A 357 2.47 -18.20 43.18
N TYR A 358 3.29 -18.83 44.03
CA TYR A 358 2.99 -20.19 44.47
C TYR A 358 1.66 -20.26 45.21
N ASP A 359 1.34 -19.23 46.00
CA ASP A 359 0.06 -19.18 46.69
C ASP A 359 -1.10 -19.11 45.73
N LYS A 360 -0.84 -18.75 44.46
CA LYS A 360 -1.87 -18.63 43.44
C LYS A 360 -1.87 -19.80 42.47
N ILE A 361 -0.69 -20.35 42.16
CA ILE A 361 -0.61 -21.54 41.32
C ILE A 361 -1.27 -22.72 42.02
N ALA A 362 -1.18 -22.79 43.35
CA ALA A 362 -1.77 -23.90 44.08
C ALA A 362 -3.30 -23.92 43.98
N VAL A 363 -3.93 -22.79 43.65
CA VAL A 363 -5.38 -22.75 43.55
C VAL A 363 -5.87 -23.55 42.36
N VAL A 364 -5.20 -23.40 41.21
CA VAL A 364 -5.59 -24.04 39.96
C VAL A 364 -4.74 -25.27 39.76
N ASN A 365 -5.38 -26.39 39.42
CA ASN A 365 -4.66 -27.63 39.10
C ASN A 365 -4.45 -27.65 37.59
N TYR A 366 -3.24 -27.29 37.16
CA TYR A 366 -2.93 -27.19 35.74
C TYR A 366 -2.63 -28.53 35.09
N ALA A 367 -2.60 -29.63 35.85
CA ALA A 367 -2.50 -30.94 35.23
C ALA A 367 -3.75 -31.24 34.40
N GLU A 368 -4.91 -30.76 34.84
CA GLU A 368 -6.13 -30.89 34.08
C GLU A 368 -6.31 -29.76 33.07
N ALA A 369 -5.80 -28.57 33.38
CA ALA A 369 -5.95 -27.44 32.46
C ALA A 369 -5.03 -27.56 31.25
N GLN A 370 -3.91 -28.27 31.39
CA GLN A 370 -2.95 -28.35 30.30
C GLN A 370 -3.46 -29.18 29.13
N LYS A 371 -4.47 -30.03 29.34
CA LYS A 371 -5.04 -30.78 28.23
C LYS A 371 -6.03 -29.94 27.42
N SER A 372 -6.34 -28.72 27.87
CA SER A 372 -7.08 -27.76 27.08
C SER A 372 -6.23 -26.58 26.63
N LEU A 373 -5.14 -26.28 27.34
CA LEU A 373 -4.23 -25.22 26.94
C LEU A 373 -3.09 -25.77 26.10
N GLY A 374 -2.71 -25.03 25.07
CA GLY A 374 -1.58 -25.41 24.25
C GLY A 374 -0.28 -24.87 24.82
N LYS A 375 -0.36 -23.70 25.45
CA LYS A 375 0.78 -23.05 26.05
C LYS A 375 0.34 -22.31 27.30
N ILE A 376 1.27 -22.12 28.22
CA ILE A 376 1.00 -21.43 29.48
C ILE A 376 2.00 -20.28 29.61
N PHE A 377 1.49 -19.05 29.67
CA PHE A 377 2.33 -17.87 29.79
C PHE A 377 2.51 -17.57 31.28
N LEU A 378 3.64 -18.02 31.83
CA LEU A 378 3.94 -17.83 33.25
C LEU A 378 4.43 -16.40 33.46
N MET A 379 3.59 -15.56 34.05
CA MET A 379 3.91 -14.16 34.27
C MET A 379 4.94 -14.07 35.41
N SER A 380 6.20 -14.27 35.05
CA SER A 380 7.29 -14.25 36.02
C SER A 380 7.84 -12.82 36.19
N TYR A 381 6.96 -11.95 36.66
CA TYR A 381 7.33 -10.57 36.96
C TYR A 381 6.32 -10.02 37.96
N ASP A 382 6.51 -8.75 38.32
CA ASP A 382 5.67 -8.06 39.31
C ASP A 382 5.72 -8.75 40.67
N PHE A 383 6.86 -9.38 40.98
CA PHE A 383 7.03 -10.00 42.29
C PHE A 383 7.10 -8.94 43.38
N LYS A 384 7.83 -7.86 43.13
CA LYS A 384 7.94 -6.74 44.05
C LYS A 384 7.64 -5.45 43.29
N GLY A 385 7.08 -4.48 44.00
CA GLY A 385 6.71 -3.23 43.36
C GLY A 385 6.65 -2.09 44.33
N ALA A 386 6.30 -0.92 43.80
CA ALA A 386 6.18 0.30 44.59
C ALA A 386 4.93 0.36 45.44
N TRP A 387 4.08 -0.68 45.38
CA TRP A 387 2.89 -0.72 46.23
C TRP A 387 3.22 -0.93 47.70
N SER A 388 4.45 -1.34 48.02
CA SER A 388 4.87 -1.54 49.40
C SER A 388 6.27 -0.99 49.57
N ASN A 389 6.41 0.06 50.38
CA ASN A 389 7.72 0.63 50.66
C ASN A 389 8.55 -0.25 51.59
N THR A 390 7.94 -1.24 52.25
CA THR A 390 8.65 -2.12 53.16
C THR A 390 9.27 -3.31 52.42
N ASP A 391 8.45 -4.06 51.70
CA ASP A 391 8.91 -5.27 51.01
C ASP A 391 9.65 -4.86 49.74
N LEU A 392 10.91 -4.51 49.91
CA LEU A 392 11.79 -4.20 48.78
C LEU A 392 12.46 -5.48 48.29
N GLY A 393 12.51 -5.63 46.97
CA GLY A 393 13.12 -6.82 46.39
C GLY A 393 13.15 -6.74 44.89
N TYR A 394 13.42 -7.87 44.27
CA TYR A 394 13.49 -7.95 42.81
C TYR A 394 12.09 -8.12 42.23
N GLN A 395 11.73 -7.23 41.31
CA GLN A 395 10.44 -7.34 40.63
C GLN A 395 10.37 -8.60 39.78
N THR A 396 11.47 -8.93 39.10
CA THR A 396 11.58 -10.15 38.31
C THR A 396 12.97 -10.74 38.48
N THR A 397 13.03 -12.06 38.61
CA THR A 397 14.28 -12.76 38.83
C THR A 397 14.07 -14.23 38.57
N VAL A 398 15.17 -14.92 38.24
CA VAL A 398 15.11 -16.37 38.04
C VAL A 398 15.22 -17.08 39.38
N TYR A 399 16.29 -16.82 40.12
CA TYR A 399 16.54 -17.45 41.40
C TYR A 399 16.39 -16.43 42.53
N ALA A 400 16.64 -16.88 43.75
CA ALA A 400 16.48 -16.04 44.93
C ALA A 400 17.65 -15.06 45.05
N PRO A 401 17.39 -13.85 45.56
CA PRO A 401 18.45 -12.84 45.65
C PRO A 401 19.62 -13.30 46.50
N SER A 402 20.75 -12.62 46.31
CA SER A 402 21.94 -12.94 47.10
C SER A 402 21.76 -12.60 48.56
N TRP A 403 21.01 -11.54 48.86
CA TRP A 403 20.74 -11.12 50.23
C TRP A 403 19.55 -11.82 50.86
N ASN A 404 18.93 -12.76 50.13
CA ASN A 404 17.81 -13.54 50.68
C ASN A 404 17.68 -14.78 49.79
N SER A 405 18.24 -15.90 50.26
CA SER A 405 18.46 -17.07 49.42
C SER A 405 17.25 -17.99 49.33
N GLU A 406 16.08 -17.58 49.82
CA GLU A 406 14.87 -18.33 49.53
C GLU A 406 13.66 -17.39 49.53
N GLU A 407 13.67 -16.42 48.63
CA GLU A 407 12.44 -15.76 48.22
C GLU A 407 11.66 -16.71 47.33
N LEU A 408 10.44 -17.03 47.72
CA LEU A 408 9.64 -17.97 46.94
C LEU A 408 8.98 -17.33 45.73
N TYR A 409 9.06 -16.01 45.60
CA TYR A 409 8.57 -15.30 44.41
C TYR A 409 9.69 -15.16 43.40
N THR A 410 10.06 -16.29 42.79
CA THR A 410 11.07 -16.34 41.75
C THR A 410 10.55 -17.16 40.57
N THR A 411 11.22 -16.98 39.43
CA THR A 411 10.86 -17.75 38.25
C THR A 411 11.14 -19.23 38.46
N HIS A 412 12.22 -19.55 39.18
CA HIS A 412 12.58 -20.95 39.39
C HIS A 412 11.52 -21.68 40.21
N TYR A 413 11.12 -21.09 41.34
CA TYR A 413 10.15 -21.76 42.21
C TYR A 413 8.79 -21.88 41.53
N ALA A 414 8.41 -20.88 40.73
CA ALA A 414 7.14 -20.95 40.02
C ALA A 414 7.16 -22.03 38.95
N VAL A 415 8.29 -22.19 38.25
CA VAL A 415 8.38 -23.23 37.23
C VAL A 415 8.28 -24.61 37.86
N ASP A 416 9.04 -24.84 38.94
CA ASP A 416 8.98 -26.14 39.61
C ASP A 416 7.60 -26.40 40.20
N ALA A 417 6.91 -25.35 40.66
CA ALA A 417 5.57 -25.52 41.19
C ALA A 417 4.64 -26.10 40.14
N LEU A 418 4.75 -25.62 38.89
CA LEU A 418 3.99 -26.22 37.80
C LEU A 418 4.45 -27.64 37.53
N LEU A 419 5.77 -27.88 37.61
CA LEU A 419 6.30 -29.20 37.29
C LEU A 419 5.84 -30.24 38.30
N LYS A 420 5.77 -29.87 39.58
CA LYS A 420 5.30 -30.81 40.60
C LYS A 420 3.86 -31.24 40.35
N GLN A 421 3.05 -30.35 39.77
CA GLN A 421 1.67 -30.69 39.44
C GLN A 421 1.55 -31.57 38.21
N GLY A 422 2.63 -31.77 37.46
CA GLY A 422 2.59 -32.57 36.25
C GLY A 422 2.53 -31.77 34.97
N VAL A 423 2.76 -30.46 35.02
CA VAL A 423 2.72 -29.64 33.81
C VAL A 423 3.93 -29.95 32.96
N ASP A 424 3.71 -30.19 31.67
CA ASP A 424 4.80 -30.40 30.75
C ASP A 424 5.69 -29.16 30.71
N PRO A 425 7.02 -29.32 30.63
CA PRO A 425 7.87 -28.12 30.52
C PRO A 425 7.78 -27.47 29.15
N ASN A 426 7.47 -28.23 28.11
CA ASN A 426 7.30 -27.65 26.77
C ASN A 426 6.16 -26.66 26.72
N LYS A 427 5.19 -26.75 27.63
CA LYS A 427 4.03 -25.87 27.65
C LYS A 427 4.22 -24.66 28.55
N ILE A 428 5.38 -24.51 29.17
CA ILE A 428 5.66 -23.42 30.10
C ILE A 428 6.41 -22.32 29.36
N ILE A 429 5.91 -21.09 29.44
CA ILE A 429 6.53 -19.94 28.80
C ILE A 429 6.93 -18.96 29.89
N VAL A 430 8.22 -18.63 29.94
CA VAL A 430 8.76 -17.77 30.99
C VAL A 430 8.53 -16.31 30.62
N GLY A 431 8.13 -15.51 31.62
CA GLY A 431 7.80 -14.12 31.38
C GLY A 431 9.01 -13.21 31.52
N VAL A 432 9.16 -12.33 30.54
CA VAL A 432 10.20 -11.30 30.55
C VAL A 432 9.53 -9.96 30.76
N ALA A 433 10.10 -9.15 31.65
CA ALA A 433 9.58 -7.82 31.95
C ALA A 433 10.37 -6.78 31.18
N MET A 434 9.75 -6.22 30.14
CA MET A 434 10.33 -5.14 29.36
C MET A 434 10.18 -3.78 30.03
N TYR A 435 10.22 -3.75 31.36
CA TYR A 435 10.04 -2.52 32.13
C TYR A 435 10.70 -2.71 33.48
N GLY A 436 10.53 -1.72 34.36
CA GLY A 436 11.08 -1.83 35.70
C GLY A 436 10.29 -1.05 36.73
N ARG A 437 10.05 -1.66 37.89
CA ARG A 437 9.42 -0.99 39.01
C ARG A 437 10.48 -0.54 40.01
N GLY A 438 10.25 0.63 40.61
CA GLY A 438 11.25 1.20 41.48
C GLY A 438 10.65 2.01 42.60
N TRP A 439 11.52 2.39 43.54
CA TRP A 439 11.16 3.20 44.69
C TRP A 439 12.08 4.41 44.74
N THR A 440 11.59 5.49 45.34
CA THR A 440 12.36 6.72 45.47
C THR A 440 12.61 7.02 46.94
N GLY A 441 13.71 7.72 47.21
CA GLY A 441 14.07 8.10 48.56
C GLY A 441 14.27 6.92 49.49
N VAL A 442 15.00 5.91 49.03
CA VAL A 442 15.25 4.72 49.86
C VAL A 442 16.13 5.13 51.04
N THR A 443 15.59 4.95 52.25
CA THR A 443 16.25 5.40 53.47
C THR A 443 16.41 4.24 54.44
N ASN A 444 17.20 4.49 55.49
CA ASN A 444 17.34 3.60 56.64
C ASN A 444 17.77 2.20 56.20
N TYR A 445 19.01 2.13 55.72
CA TYR A 445 19.58 0.88 55.23
C TYR A 445 21.01 0.75 55.70
N THR A 446 21.47 -0.50 55.81
CA THR A 446 22.84 -0.81 56.15
C THR A 446 23.62 -1.23 54.91
N ASN A 447 24.94 -1.22 55.03
CA ASN A 447 25.83 -1.73 53.98
C ASN A 447 25.58 -0.94 52.70
N ASP A 448 25.80 -1.58 51.54
CA ASP A 448 25.43 -1.02 50.25
C ASP A 448 24.25 -1.79 49.63
N ASN A 449 23.53 -2.55 50.45
CA ASN A 449 22.32 -3.23 50.00
C ASN A 449 21.11 -2.35 50.29
N TYR A 450 20.46 -1.89 49.24
CA TYR A 450 19.36 -0.93 49.36
C TYR A 450 17.99 -1.60 49.44
N PHE A 451 17.94 -2.93 49.42
CA PHE A 451 16.68 -3.65 49.58
C PHE A 451 16.38 -3.99 51.03
N SER A 452 17.36 -3.83 51.92
CA SER A 452 17.12 -4.00 53.36
C SER A 452 16.50 -2.76 53.99
N GLY A 453 16.45 -1.65 53.28
CA GLY A 453 15.91 -0.41 53.80
C GLY A 453 14.44 -0.24 53.49
N THR A 454 13.99 1.02 53.58
CA THR A 454 12.60 1.38 53.33
C THR A 454 12.56 2.59 52.43
N GLY A 455 11.80 2.50 51.34
CA GLY A 455 11.62 3.64 50.45
C GLY A 455 10.52 4.57 50.93
N ASN A 456 10.43 5.72 50.26
CA ASN A 456 9.43 6.75 50.58
C ASN A 456 8.76 7.20 49.28
N GLY A 457 7.97 6.31 48.69
CA GLY A 457 7.20 6.65 47.52
C GLY A 457 7.69 5.94 46.27
N PRO A 458 6.89 6.01 45.21
CA PRO A 458 7.28 5.37 43.95
C PRO A 458 8.23 6.23 43.14
N VAL A 459 9.08 5.55 42.37
CA VAL A 459 10.04 6.26 41.52
C VAL A 459 9.30 6.96 40.38
N SER A 460 9.94 7.99 39.83
CA SER A 460 9.40 8.70 38.69
C SER A 460 9.37 7.77 37.48
N GLY A 461 8.18 7.60 36.89
CA GLY A 461 8.00 6.67 35.80
C GLY A 461 7.81 7.36 34.45
N THR A 462 7.89 6.56 33.40
CA THR A 462 7.71 7.06 32.03
C THR A 462 6.28 7.51 31.81
N TRP A 463 5.35 6.55 31.78
CA TRP A 463 3.93 6.85 31.62
C TRP A 463 3.18 6.81 32.94
N GLU A 464 3.52 5.87 33.82
CA GLU A 464 2.98 5.78 35.17
C GLU A 464 4.12 5.72 36.16
N ASP A 465 4.07 6.56 37.19
CA ASP A 465 5.11 6.55 38.20
C ASP A 465 5.12 5.23 38.96
N GLY A 466 6.31 4.79 39.32
CA GLY A 466 6.51 3.47 39.88
C GLY A 466 6.87 2.40 38.87
N VAL A 467 6.70 2.68 37.58
CA VAL A 467 7.06 1.75 36.51
C VAL A 467 7.83 2.54 35.45
N VAL A 468 8.97 2.01 35.02
CA VAL A 468 9.83 2.67 34.04
C VAL A 468 10.06 1.72 32.88
N ASP A 469 9.85 2.21 31.66
CA ASP A 469 10.12 1.41 30.48
C ASP A 469 11.60 1.10 30.38
N TYR A 470 11.92 -0.05 29.77
CA TYR A 470 13.32 -0.43 29.61
C TYR A 470 14.07 0.54 28.72
N ARG A 471 13.39 1.13 27.73
CA ARG A 471 14.05 2.04 26.81
C ARG A 471 14.52 3.30 27.53
N GLN A 472 13.70 3.84 28.42
CA GLN A 472 14.10 5.03 29.16
C GLN A 472 15.20 4.72 30.16
N ILE A 473 15.27 3.48 30.65
CA ILE A 473 16.35 3.08 31.54
C ILE A 473 17.69 3.24 30.85
N GLN A 474 17.77 2.87 29.57
CA GLN A 474 19.02 3.01 28.83
C GLN A 474 19.40 4.47 28.63
N LYS A 475 18.41 5.34 28.44
CA LYS A 475 18.71 6.76 28.29
C LYS A 475 19.25 7.36 29.58
N ASP A 476 18.65 7.01 30.71
CA ASP A 476 19.08 7.50 32.01
C ASP A 476 20.11 6.59 32.67
N LEU A 477 20.82 5.77 31.87
CA LEU A 477 21.67 4.74 32.46
C LEU A 477 22.85 5.32 33.22
N ASN A 478 23.34 6.49 32.83
CA ASN A 478 24.46 7.13 33.51
C ASN A 478 24.01 8.02 34.66
N ASN A 479 22.72 8.01 35.01
CA ASN A 479 22.25 8.59 36.26
C ASN A 479 22.13 7.56 37.36
N TYR A 480 22.23 6.27 37.04
CA TYR A 480 22.15 5.19 38.00
C TYR A 480 23.46 4.42 38.03
N VAL A 481 23.57 3.51 39.00
CA VAL A 481 24.70 2.61 39.12
C VAL A 481 24.18 1.20 38.86
N TYR A 482 24.61 0.60 37.76
CA TYR A 482 24.11 -0.70 37.36
C TYR A 482 24.67 -1.80 38.27
N THR A 483 23.85 -2.80 38.55
CA THR A 483 24.25 -3.93 39.37
C THR A 483 23.52 -5.17 38.90
N PHE A 484 24.28 -6.23 38.60
CA PHE A 484 23.73 -7.51 38.17
C PHE A 484 23.92 -8.52 39.28
N ASP A 485 22.88 -9.26 39.62
CA ASP A 485 22.91 -10.27 40.67
C ASP A 485 23.08 -11.62 39.99
N SER A 486 24.33 -11.99 39.72
CA SER A 486 24.62 -13.22 38.99
C SER A 486 24.16 -14.47 39.73
N ALA A 487 23.84 -14.37 41.02
CA ALA A 487 23.31 -15.51 41.75
C ALA A 487 21.83 -15.70 41.47
N ALA A 488 21.07 -14.61 41.45
CA ALA A 488 19.63 -14.65 41.21
C ALA A 488 19.26 -14.42 39.75
N GLN A 489 20.23 -14.07 38.90
CA GLN A 489 19.98 -13.75 37.49
C GLN A 489 18.99 -12.59 37.36
N ALA A 490 19.29 -11.49 38.05
CA ALA A 490 18.45 -10.31 38.02
C ALA A 490 19.34 -9.07 38.00
N SER A 491 18.75 -7.95 37.62
CA SER A 491 19.45 -6.68 37.52
C SER A 491 18.66 -5.58 38.20
N TYR A 492 19.37 -4.55 38.65
CA TYR A 492 18.75 -3.36 39.23
C TYR A 492 19.73 -2.20 39.13
N VAL A 493 19.21 -1.01 39.36
CA VAL A 493 20.00 0.22 39.28
C VAL A 493 19.66 1.09 40.48
N PHE A 494 20.61 1.95 40.87
CA PHE A 494 20.43 2.79 42.04
C PHE A 494 21.06 4.16 41.80
N ASP A 495 20.43 5.19 42.36
CA ASP A 495 20.90 6.56 42.26
C ASP A 495 20.79 7.20 43.63
N LYS A 496 21.93 7.43 44.29
CA LYS A 496 21.92 7.97 45.64
C LYS A 496 21.49 9.43 45.70
N SER A 497 21.40 10.12 44.56
CA SER A 497 21.00 11.53 44.58
C SER A 497 19.56 11.68 45.03
N LYS A 498 18.64 10.90 44.44
CA LYS A 498 17.23 10.93 44.82
C LYS A 498 16.74 9.60 45.37
N GLY A 499 17.64 8.65 45.60
CA GLY A 499 17.24 7.37 46.16
C GLY A 499 16.39 6.51 45.24
N ASP A 500 16.66 6.54 43.93
CA ASP A 500 15.87 5.80 42.96
C ASP A 500 16.47 4.41 42.79
N LEU A 501 15.74 3.39 43.24
CA LEU A 501 16.15 2.00 43.14
C LEU A 501 15.13 1.27 42.28
N ILE A 502 15.54 0.88 41.08
CA ILE A 502 14.64 0.29 40.08
C ILE A 502 15.11 -1.11 39.75
N SER A 503 14.20 -2.07 39.80
CA SER A 503 14.47 -3.45 39.42
C SER A 503 13.80 -3.75 38.08
N PHE A 504 14.59 -4.28 37.15
CA PHE A 504 14.10 -4.52 35.79
C PHE A 504 14.84 -5.72 35.21
N ASP A 505 14.61 -5.98 33.92
CA ASP A 505 15.26 -7.07 33.19
C ASP A 505 16.20 -6.46 32.16
N SER A 506 17.49 -6.67 32.35
CA SER A 506 18.49 -6.21 31.40
C SER A 506 18.82 -7.32 30.42
N VAL A 507 19.80 -7.08 29.54
CA VAL A 507 20.22 -8.10 28.59
C VAL A 507 20.84 -9.29 29.33
N ASP A 508 21.53 -9.01 30.43
CA ASP A 508 22.17 -10.08 31.21
C ASP A 508 21.12 -11.00 31.82
N SER A 509 20.13 -10.43 32.50
CA SER A 509 19.11 -11.24 33.17
C SER A 509 18.28 -12.03 32.16
N VAL A 510 17.94 -11.41 31.02
CA VAL A 510 17.17 -12.11 30.01
C VAL A 510 17.96 -13.27 29.42
N LEU A 511 19.25 -13.04 29.16
CA LEU A 511 20.09 -14.12 28.63
C LEU A 511 20.20 -15.27 29.61
N GLY A 512 20.21 -14.98 30.92
CA GLY A 512 20.13 -16.04 31.91
C GLY A 512 18.81 -16.78 31.87
N LYS A 513 17.72 -16.08 31.55
CA LYS A 513 16.43 -16.73 31.39
C LYS A 513 16.38 -17.62 30.17
N VAL A 514 17.23 -17.38 29.18
CA VAL A 514 17.21 -18.18 27.95
C VAL A 514 17.64 -19.61 28.25
N LYS A 515 18.76 -19.77 28.94
CA LYS A 515 19.25 -21.11 29.23
C LYS A 515 18.38 -21.82 30.26
N TYR A 516 17.77 -21.08 31.18
CA TYR A 516 16.78 -21.69 32.06
C TYR A 516 15.61 -22.24 31.27
N VAL A 517 15.31 -21.64 30.11
CA VAL A 517 14.29 -22.19 29.23
C VAL A 517 14.88 -23.31 28.36
N ASP A 518 16.16 -23.22 28.03
CA ASP A 518 16.79 -24.11 27.05
C ASP A 518 16.75 -25.57 27.47
N ARG A 519 17.50 -25.95 28.51
CA ARG A 519 17.58 -27.35 28.90
C ARG A 519 16.98 -27.64 30.27
N ASN A 520 16.12 -26.76 30.76
CA ASN A 520 14.97 -27.22 31.53
C ASN A 520 13.81 -27.56 30.60
N LYS A 521 14.05 -27.46 29.29
CA LYS A 521 13.10 -27.83 28.24
C LYS A 521 11.80 -27.04 28.36
N LEU A 522 11.92 -25.76 28.71
CA LEU A 522 10.76 -24.90 28.76
C LEU A 522 10.40 -24.42 27.35
N GLY A 523 9.13 -24.04 27.19
CA GLY A 523 8.62 -23.75 25.85
C GLY A 523 9.27 -22.54 25.21
N GLY A 524 9.43 -21.46 25.96
CA GLY A 524 10.01 -20.26 25.39
C GLY A 524 9.87 -19.08 26.32
N LEU A 525 9.79 -17.89 25.73
CA LEU A 525 9.71 -16.65 26.48
C LEU A 525 8.64 -15.75 25.88
N PHE A 526 7.96 -15.01 26.76
CA PHE A 526 7.03 -13.97 26.37
C PHE A 526 7.31 -12.74 27.22
N ALA A 527 6.90 -11.57 26.70
CA ALA A 527 7.29 -10.31 27.32
C ALA A 527 6.13 -9.34 27.35
N TRP A 528 6.19 -8.44 28.33
CA TRP A 528 5.28 -7.30 28.44
C TRP A 528 6.09 -6.06 28.80
N GLU A 529 5.98 -4.99 28.02
CA GLU A 529 5.20 -4.98 26.79
C GLU A 529 6.13 -4.64 25.62
N ILE A 530 5.72 -5.01 24.41
CA ILE A 530 6.62 -4.95 23.26
C ILE A 530 7.00 -3.51 22.91
N ASP A 531 6.18 -2.53 23.29
CA ASP A 531 6.48 -1.15 22.94
C ASP A 531 7.58 -0.54 23.81
N ALA A 532 7.84 -1.11 24.98
CA ALA A 532 8.83 -0.54 25.89
C ALA A 532 10.26 -1.01 25.59
N ASP A 533 10.42 -1.96 24.69
CA ASP A 533 11.75 -2.45 24.34
C ASP A 533 12.35 -1.60 23.23
N ASN A 534 13.67 -1.42 23.29
CA ASN A 534 14.41 -0.69 22.26
C ASN A 534 15.23 -1.62 21.38
N GLY A 535 14.91 -2.92 21.39
CA GLY A 535 15.60 -3.91 20.59
C GLY A 535 16.56 -4.79 21.37
N ASP A 536 17.04 -4.32 22.52
CA ASP A 536 18.01 -5.11 23.29
C ASP A 536 17.38 -6.39 23.83
N LEU A 537 16.21 -6.28 24.46
CA LEU A 537 15.63 -7.41 25.17
C LEU A 537 15.16 -8.49 24.21
N LEU A 538 14.50 -8.10 23.11
CA LEU A 538 13.98 -9.09 22.18
C LEU A 538 15.10 -9.84 21.47
N ASN A 539 16.21 -9.15 21.18
CA ASN A 539 17.35 -9.81 20.57
C ASN A 539 17.96 -10.84 21.52
N ALA A 540 17.99 -10.54 22.82
CA ALA A 540 18.51 -11.49 23.79
C ALA A 540 17.62 -12.72 23.91
N ILE A 541 16.31 -12.55 23.71
CA ILE A 541 15.40 -13.69 23.77
C ILE A 541 15.65 -14.64 22.62
N ASN A 542 15.94 -14.11 21.44
CA ASN A 542 16.15 -14.90 20.23
C ASN A 542 17.60 -15.31 20.03
N ALA A 543 18.41 -15.29 21.08
CA ALA A 543 19.83 -15.59 20.96
C ALA A 543 20.04 -17.07 20.73
N GLN A 544 20.75 -17.42 19.65
CA GLN A 544 21.09 -18.80 19.33
C GLN A 544 22.42 -19.14 19.99
N PHE A 545 22.39 -20.09 20.92
CA PHE A 545 23.61 -20.52 21.62
C PHE A 545 23.97 -21.96 21.26
N ILE B 18 10.87 -38.33 12.68
CA ILE B 18 10.81 -37.16 11.82
C ILE B 18 12.12 -36.38 11.90
N PRO B 19 12.49 -35.69 10.83
CA PRO B 19 13.69 -34.86 10.85
C PRO B 19 13.54 -33.69 11.81
N GLY B 20 14.68 -33.07 12.13
CA GLY B 20 14.65 -31.90 12.98
C GLY B 20 13.90 -30.75 12.35
N THR B 21 13.52 -29.80 13.19
CA THR B 21 12.78 -28.64 12.71
C THR B 21 13.67 -27.79 11.81
N PRO B 22 13.21 -27.43 10.61
CA PRO B 22 14.05 -26.64 9.71
C PRO B 22 13.90 -25.14 9.94
N VAL B 23 15.02 -24.44 9.85
CA VAL B 23 15.08 -23.01 10.09
C VAL B 23 15.66 -22.36 8.84
N ILE B 24 14.80 -21.67 8.09
CA ILE B 24 15.23 -21.00 6.87
C ILE B 24 16.09 -19.80 7.23
N ASP B 25 17.29 -19.73 6.65
CA ASP B 25 18.21 -18.64 6.96
C ASP B 25 17.66 -17.32 6.46
N TRP B 26 18.02 -16.25 7.17
CA TRP B 26 17.58 -14.92 6.78
C TRP B 26 18.33 -14.45 5.54
N ALA B 27 17.61 -13.77 4.65
CA ALA B 27 18.18 -13.23 3.42
C ALA B 27 17.19 -12.25 2.83
N ASP B 28 17.67 -11.44 1.88
CA ASP B 28 16.80 -10.53 1.15
C ASP B 28 16.04 -11.32 0.10
N ARG B 29 14.71 -11.30 0.19
CA ARG B 29 13.85 -12.07 -0.70
C ARG B 29 13.00 -11.17 -1.58
N ASN B 30 13.51 -9.98 -1.89
CA ASN B 30 12.87 -9.08 -2.84
C ASN B 30 13.59 -9.24 -4.18
N TYR B 31 13.01 -10.03 -5.07
CA TYR B 31 13.59 -10.30 -6.38
C TYR B 31 12.87 -9.49 -7.45
N ALA B 32 13.56 -9.31 -8.58
CA ALA B 32 13.01 -8.51 -9.68
C ALA B 32 13.48 -9.09 -11.00
N LEU B 33 12.54 -9.31 -11.92
CA LEU B 33 12.89 -9.75 -13.25
C LEU B 33 13.62 -8.66 -14.04
N VAL B 34 13.42 -7.40 -13.68
CA VAL B 34 14.13 -6.27 -14.26
C VAL B 34 14.65 -5.43 -13.10
N GLU B 35 15.93 -5.57 -12.77
CA GLU B 35 16.50 -4.85 -11.65
C GLU B 35 16.74 -3.39 -12.00
N ILE B 36 16.56 -2.51 -11.02
CA ILE B 36 16.73 -1.08 -11.18
C ILE B 36 17.82 -0.63 -10.24
N ASN B 37 18.95 -0.18 -10.80
CA ASN B 37 20.04 0.36 -10.01
C ASN B 37 19.68 1.79 -9.63
N TYR B 38 19.40 2.01 -8.34
CA TYR B 38 18.95 3.32 -7.88
C TYR B 38 20.09 4.32 -7.73
N GLU B 39 21.32 3.94 -8.05
CA GLU B 39 22.44 4.88 -8.08
C GLU B 39 22.93 5.18 -9.48
N ALA B 40 22.45 4.46 -10.49
CA ALA B 40 22.91 4.64 -11.85
C ALA B 40 22.29 5.89 -12.47
N THR B 41 23.06 6.53 -13.36
CA THR B 41 22.60 7.69 -14.11
C THR B 41 22.38 7.40 -15.58
N ALA B 42 23.15 6.49 -16.17
CA ALA B 42 22.97 6.11 -17.56
C ALA B 42 21.90 5.04 -17.69
N TYR B 43 21.24 5.02 -18.85
CA TYR B 43 20.18 4.05 -19.07
C TYR B 43 20.71 2.63 -19.16
N GLU B 44 21.93 2.46 -19.65
CA GLU B 44 22.50 1.12 -19.78
C GLU B 44 22.77 0.50 -18.41
N ASN B 45 23.07 1.31 -17.41
CA ASN B 45 23.30 0.82 -16.05
C ASN B 45 22.06 0.93 -15.18
N LEU B 46 20.97 1.52 -15.69
CA LEU B 46 19.76 1.69 -14.90
C LEU B 46 19.00 0.38 -14.75
N ILE B 47 18.78 -0.32 -15.86
CA ILE B 47 17.95 -1.52 -15.88
C ILE B 47 18.81 -2.74 -16.05
N LYS B 48 18.27 -3.89 -15.63
CA LYS B 48 18.91 -5.19 -15.82
C LYS B 48 17.82 -6.21 -16.13
N PRO B 49 17.41 -6.30 -17.39
CA PRO B 49 16.36 -7.27 -17.76
C PRO B 49 16.87 -8.69 -17.64
N LYS B 50 16.03 -9.55 -17.08
CA LYS B 50 16.35 -10.96 -16.88
C LYS B 50 15.26 -11.83 -17.48
N GLU B 51 15.67 -12.85 -18.23
CA GLU B 51 14.72 -13.85 -18.71
C GLU B 51 14.04 -14.55 -17.54
N GLN B 52 14.82 -14.86 -16.50
CA GLN B 52 14.31 -15.58 -15.34
C GLN B 52 14.97 -15.02 -14.09
N VAL B 53 14.39 -15.35 -12.94
CA VAL B 53 14.97 -15.02 -11.64
C VAL B 53 15.07 -16.29 -10.83
N ASP B 54 16.15 -16.43 -10.07
CA ASP B 54 16.42 -17.62 -9.29
C ASP B 54 16.19 -17.32 -7.82
N VAL B 55 15.11 -17.85 -7.27
CA VAL B 55 14.82 -17.72 -5.84
C VAL B 55 15.66 -18.76 -5.11
N GLN B 56 16.65 -18.30 -4.36
CA GLN B 56 17.55 -19.17 -3.61
C GLN B 56 17.15 -19.18 -2.14
N VAL B 57 17.13 -20.37 -1.56
CA VAL B 57 16.73 -20.56 -0.17
C VAL B 57 17.66 -21.58 0.48
N SER B 58 18.18 -21.23 1.66
CA SER B 58 19.02 -22.13 2.44
C SER B 58 18.47 -22.20 3.86
N TRP B 59 18.84 -23.27 4.56
CA TRP B 59 18.28 -23.52 5.88
C TRP B 59 19.27 -24.31 6.72
N ASN B 60 19.00 -24.34 8.03
CA ASN B 60 19.72 -25.17 8.98
C ASN B 60 18.73 -26.05 9.73
N VAL B 61 19.25 -27.09 10.37
CA VAL B 61 18.44 -28.07 11.07
C VAL B 61 18.85 -28.09 12.53
N TRP B 62 17.85 -28.03 13.42
CA TRP B 62 18.09 -28.09 14.86
C TRP B 62 17.35 -29.29 15.44
N ASN B 63 17.92 -29.84 16.51
CA ASN B 63 17.33 -30.95 17.27
C ASN B 63 17.06 -32.14 16.35
N GLY B 64 18.16 -32.79 15.95
CA GLY B 64 18.09 -34.02 15.20
C GLY B 64 18.82 -33.91 13.88
N ASP B 65 18.61 -34.93 13.03
CA ASP B 65 19.28 -35.05 11.76
C ASP B 65 18.65 -34.16 10.70
N ILE B 66 19.38 -33.97 9.61
CA ILE B 66 18.92 -33.11 8.52
C ILE B 66 17.83 -33.74 7.68
N GLY B 67 17.56 -35.03 7.85
CA GLY B 67 16.60 -35.73 7.04
C GLY B 67 17.22 -36.33 5.78
N ASP B 68 16.41 -37.10 5.07
CA ASP B 68 16.86 -37.82 3.88
C ASP B 68 16.56 -37.07 2.59
N ILE B 69 15.40 -36.43 2.49
CA ILE B 69 15.01 -35.71 1.27
C ILE B 69 14.35 -34.40 1.69
N ALA B 70 14.53 -33.37 0.85
CA ALA B 70 14.06 -32.03 1.16
C ALA B 70 13.21 -31.50 0.02
N TYR B 71 12.14 -30.78 0.38
CA TYR B 71 11.24 -30.17 -0.58
C TYR B 71 11.12 -28.68 -0.29
N VAL B 72 10.90 -27.89 -1.35
CA VAL B 72 10.62 -26.47 -1.25
C VAL B 72 9.18 -26.25 -1.68
N LEU B 73 8.44 -25.47 -0.89
CA LEU B 73 7.00 -25.30 -1.08
C LEU B 73 6.68 -23.85 -1.38
N PHE B 74 6.18 -23.58 -2.58
CA PHE B 74 5.53 -22.32 -2.91
C PHE B 74 4.02 -22.53 -2.86
N ASP B 75 3.32 -21.62 -2.19
CA ASP B 75 1.85 -21.71 -2.06
C ASP B 75 1.43 -23.05 -1.44
N GLU B 76 2.29 -23.62 -0.59
CA GLU B 76 2.11 -24.96 -0.06
C GLU B 76 2.08 -26.02 -1.17
N GLN B 77 2.84 -25.80 -2.24
CA GLN B 77 2.92 -26.74 -3.35
C GLN B 77 4.38 -26.99 -3.70
N GLN B 78 4.66 -28.21 -4.15
CA GLN B 78 6.03 -28.63 -4.44
C GLN B 78 6.55 -27.89 -5.65
N VAL B 79 7.77 -27.35 -5.54
CA VAL B 79 8.39 -26.61 -6.63
C VAL B 79 9.85 -27.05 -6.80
N TRP B 80 10.39 -27.74 -5.81
CA TRP B 80 11.79 -28.17 -5.84
C TRP B 80 11.98 -29.32 -4.87
N LYS B 81 12.93 -30.20 -5.19
CA LYS B 81 13.22 -31.32 -4.30
C LYS B 81 14.66 -31.76 -4.51
N GLY B 82 15.21 -32.39 -3.47
CA GLY B 82 16.57 -32.86 -3.50
C GLY B 82 16.98 -33.35 -2.12
N ASP B 83 18.30 -33.50 -1.93
CA ASP B 83 18.81 -33.94 -0.64
C ASP B 83 18.96 -32.76 0.29
N ALA B 84 18.67 -33.00 1.57
CA ALA B 84 18.88 -31.99 2.60
C ALA B 84 20.34 -31.86 3.01
N GLU B 85 21.22 -32.71 2.46
CA GLU B 85 22.64 -32.56 2.70
C GLU B 85 23.14 -31.19 2.26
N SER B 86 22.68 -30.72 1.10
CA SER B 86 23.15 -29.45 0.58
C SER B 86 22.65 -28.28 1.40
N LYS B 87 21.50 -28.42 2.05
CA LYS B 87 20.85 -27.30 2.76
C LYS B 87 20.70 -26.09 1.84
N ARG B 88 20.52 -26.35 0.55
CA ARG B 88 20.54 -25.33 -0.48
C ARG B 88 19.49 -25.66 -1.53
N ALA B 89 18.84 -24.63 -2.07
CA ALA B 89 17.84 -24.82 -3.11
C ALA B 89 17.81 -23.58 -3.99
N THR B 90 17.74 -23.81 -5.30
CA THR B 90 17.64 -22.74 -6.29
C THR B 90 16.43 -23.02 -7.16
N ILE B 91 15.43 -22.14 -7.10
CA ILE B 91 14.18 -22.31 -7.84
C ILE B 91 14.08 -21.22 -8.89
N LYS B 92 13.74 -21.62 -10.11
CA LYS B 92 13.59 -20.69 -11.22
C LYS B 92 12.16 -20.18 -11.26
N VAL B 93 12.01 -18.85 -11.22
CA VAL B 93 10.70 -18.20 -11.25
C VAL B 93 10.63 -17.33 -12.50
N LEU B 94 9.52 -17.43 -13.23
CA LEU B 94 9.35 -16.71 -14.48
C LEU B 94 8.36 -15.56 -14.41
N VAL B 95 7.40 -15.59 -13.49
CA VAL B 95 6.33 -14.60 -13.43
C VAL B 95 6.40 -13.86 -12.11
N SER B 96 6.06 -12.58 -12.15
CA SER B 96 6.04 -11.76 -10.94
C SER B 96 4.91 -12.22 -10.01
N GLY B 97 5.05 -11.86 -8.74
CA GLY B 97 4.05 -12.22 -7.74
C GLY B 97 4.64 -12.55 -6.39
N GLN B 98 3.79 -12.63 -5.38
CA GLN B 98 4.20 -12.96 -4.02
C GLN B 98 3.71 -14.35 -3.64
N PHE B 99 4.45 -15.00 -2.77
CA PHE B 99 4.10 -16.35 -2.32
C PHE B 99 4.89 -16.69 -1.06
N ASN B 100 4.36 -17.62 -0.28
CA ASN B 100 5.01 -18.10 0.93
C ASN B 100 5.89 -19.30 0.59
N MET B 101 7.15 -19.24 1.00
CA MET B 101 8.12 -20.30 0.73
C MET B 101 8.42 -21.06 2.01
N ARG B 102 8.39 -22.38 1.93
CA ARG B 102 8.63 -23.24 3.09
C ARG B 102 9.53 -24.40 2.66
N VAL B 103 10.35 -24.85 3.61
CA VAL B 103 11.24 -26.00 3.40
C VAL B 103 10.62 -27.22 4.06
N LYS B 104 10.66 -28.34 3.36
CA LYS B 104 10.02 -29.58 3.80
C LYS B 104 11.08 -30.66 3.94
N LEU B 105 11.35 -31.07 5.18
CA LEU B 105 12.27 -32.16 5.47
C LEU B 105 11.49 -33.42 5.76
N CYS B 106 11.82 -34.51 5.08
CA CYS B 106 11.12 -35.77 5.22
C CYS B 106 12.09 -36.89 5.56
N ASN B 107 11.59 -37.88 6.31
CA ASN B 107 12.35 -39.05 6.68
C ASN B 107 11.45 -40.27 6.53
N GLU B 108 11.99 -41.44 6.92
CA GLU B 108 11.24 -42.68 6.78
C GLU B 108 9.97 -42.65 7.63
N ASP B 109 10.04 -42.06 8.83
CA ASP B 109 8.88 -41.97 9.70
C ASP B 109 7.91 -40.92 9.18
N GLY B 110 8.28 -39.65 9.33
CA GLY B 110 7.43 -38.57 8.90
C GLY B 110 8.21 -37.39 8.35
N CYS B 111 7.59 -36.20 8.35
CA CYS B 111 8.21 -35.00 7.84
C CYS B 111 8.02 -33.84 8.80
N SER B 112 8.95 -32.89 8.75
CA SER B 112 8.88 -31.66 9.53
C SER B 112 8.91 -30.47 8.59
N VAL B 113 8.12 -29.45 8.91
CA VAL B 113 7.92 -28.30 8.03
C VAL B 113 8.45 -27.06 8.72
N SER B 114 9.09 -26.18 7.93
CA SER B 114 9.66 -24.95 8.45
C SER B 114 8.60 -23.85 8.53
N ASP B 115 8.99 -22.71 9.07
CA ASP B 115 8.12 -21.55 9.12
C ASP B 115 8.10 -20.85 7.75
N PRO B 116 6.96 -20.30 7.36
CA PRO B 116 6.86 -19.67 6.03
C PRO B 116 7.46 -18.28 6.01
N VAL B 117 8.13 -17.97 4.91
CA VAL B 117 8.66 -16.63 4.65
C VAL B 117 8.03 -16.12 3.36
N LEU B 118 7.95 -14.80 3.23
CA LEU B 118 7.31 -14.16 2.10
C LEU B 118 8.35 -13.82 1.04
N VAL B 119 8.17 -14.36 -0.16
CA VAL B 119 9.03 -14.06 -1.30
C VAL B 119 8.29 -13.14 -2.25
N LYS B 120 9.01 -12.16 -2.79
CA LYS B 120 8.44 -11.20 -3.73
C LYS B 120 9.25 -11.24 -5.02
N VAL B 121 8.58 -11.52 -6.13
CA VAL B 121 9.18 -11.47 -7.46
C VAL B 121 8.56 -10.30 -8.20
N ALA B 122 9.41 -9.39 -8.68
CA ALA B 122 8.95 -8.14 -9.27
C ALA B 122 9.13 -8.15 -10.78
N ASP B 123 8.26 -7.41 -11.46
CA ASP B 123 8.35 -7.22 -12.90
C ASP B 123 7.60 -5.95 -13.25
N THR B 124 7.90 -5.40 -14.43
CA THR B 124 7.34 -4.12 -14.84
C THR B 124 5.87 -4.22 -15.23
N ASP B 125 5.25 -5.39 -15.15
CA ASP B 125 3.81 -5.50 -15.35
C ASP B 125 3.01 -5.19 -14.10
N GLY B 126 3.67 -5.11 -12.94
CA GLY B 126 3.00 -4.76 -11.71
C GLY B 126 2.43 -5.92 -10.91
N GLY B 127 2.79 -7.16 -11.27
CA GLY B 127 2.27 -8.32 -10.57
C GLY B 127 2.64 -8.39 -9.10
N HIS B 128 3.58 -7.57 -8.65
CA HIS B 128 4.00 -7.52 -7.26
C HIS B 128 3.47 -6.28 -6.54
N LEU B 129 2.75 -5.41 -7.23
CA LEU B 129 2.30 -4.14 -6.67
C LEU B 129 0.81 -4.19 -6.37
N ALA B 130 0.37 -3.26 -5.50
CA ALA B 130 -1.00 -3.06 -5.04
C ALA B 130 -1.66 -1.94 -5.82
N PRO B 131 -2.98 -2.01 -6.01
CA PRO B 131 -3.67 -0.99 -6.80
C PRO B 131 -3.52 0.39 -6.19
N LEU B 132 -3.15 1.36 -7.03
CA LEU B 132 -3.05 2.76 -6.65
C LEU B 132 -4.33 3.45 -7.10
N GLU B 133 -5.29 3.54 -6.19
CA GLU B 133 -6.58 4.13 -6.51
C GLU B 133 -6.51 5.65 -6.44
N TYR B 134 -7.16 6.31 -7.38
CA TYR B 134 -7.15 7.78 -7.45
C TYR B 134 -8.17 8.34 -6.46
N THR B 135 -7.69 9.11 -5.49
CA THR B 135 -8.57 9.88 -4.63
C THR B 135 -9.03 11.14 -5.36
N TRP B 136 -10.33 11.38 -5.37
CA TRP B 136 -10.90 12.45 -6.17
C TRP B 136 -10.55 13.80 -5.56
N LEU B 137 -9.75 14.58 -6.26
CA LEU B 137 -9.25 15.87 -5.79
C LEU B 137 -9.85 17.01 -6.60
N GLU B 138 -9.91 18.18 -5.96
CA GLU B 138 -10.29 19.44 -6.60
C GLU B 138 -11.70 19.30 -7.17
N ASN B 139 -11.94 19.64 -8.43
CA ASN B 139 -13.26 19.59 -9.04
C ASN B 139 -13.45 18.38 -9.94
N ASN B 140 -12.54 17.41 -9.91
CA ASN B 140 -12.68 16.23 -10.74
C ASN B 140 -13.86 15.38 -10.26
N LYS B 141 -14.75 15.05 -11.20
CA LYS B 141 -15.94 14.27 -10.89
C LYS B 141 -16.00 13.03 -11.75
N PRO B 142 -16.55 11.93 -11.24
CA PRO B 142 -16.58 10.69 -12.01
C PRO B 142 -17.42 10.84 -13.27
N GLY B 143 -17.14 9.96 -14.24
CA GLY B 143 -17.84 9.98 -15.51
C GLY B 143 -16.88 10.13 -16.68
N ARG B 144 -16.85 9.12 -17.55
CA ARG B 144 -15.97 9.11 -18.71
C ARG B 144 -16.79 9.02 -19.98
N ARG B 145 -16.35 9.73 -21.02
CA ARG B 145 -16.98 9.61 -22.33
C ARG B 145 -16.82 8.18 -22.85
N GLU B 146 -17.95 7.50 -23.04
CA GLU B 146 -17.95 6.07 -23.24
C GLU B 146 -17.75 5.65 -24.69
N ASP B 147 -18.17 6.47 -25.64
CA ASP B 147 -18.12 6.10 -27.05
C ASP B 147 -16.95 6.72 -27.80
N LYS B 148 -16.16 7.58 -27.17
CA LYS B 148 -15.07 8.27 -27.84
C LYS B 148 -13.84 8.30 -26.97
N ILE B 149 -12.70 8.58 -27.60
CA ILE B 149 -11.41 8.51 -26.93
C ILE B 149 -11.16 9.80 -26.14
N VAL B 150 -10.76 9.66 -24.89
CA VAL B 150 -10.42 10.79 -24.03
C VAL B 150 -9.02 10.54 -23.51
N ALA B 151 -8.03 11.20 -24.12
CA ALA B 151 -6.63 11.05 -23.73
C ALA B 151 -6.15 12.31 -23.03
N ALA B 152 -4.98 12.18 -22.39
CA ALA B 152 -4.37 13.30 -21.69
C ALA B 152 -2.86 13.05 -21.61
N TYR B 153 -2.12 14.13 -21.45
CA TYR B 153 -0.66 14.09 -21.43
C TYR B 153 -0.16 14.30 -20.01
N PHE B 154 0.71 13.40 -19.56
CA PHE B 154 1.40 13.53 -18.28
C PHE B 154 2.87 13.85 -18.54
N VAL B 155 3.35 14.93 -17.93
CA VAL B 155 4.72 15.38 -18.14
C VAL B 155 5.63 14.70 -17.12
N GLU B 156 6.80 14.26 -17.59
CA GLU B 156 7.75 13.59 -16.71
C GLU B 156 8.26 14.52 -15.63
N TRP B 157 8.56 15.76 -15.99
CA TRP B 157 9.09 16.75 -15.06
C TRP B 157 8.01 17.39 -14.18
N GLY B 158 6.77 16.90 -14.24
CA GLY B 158 5.70 17.47 -13.43
C GLY B 158 5.77 17.13 -11.97
N VAL B 159 6.64 16.17 -11.58
CA VAL B 159 6.74 15.77 -10.19
C VAL B 159 7.67 16.66 -9.38
N TYR B 160 8.20 17.72 -9.97
CA TYR B 160 9.09 18.62 -9.24
C TYR B 160 8.35 19.86 -8.79
N GLY B 161 8.66 21.01 -9.41
CA GLY B 161 8.03 22.26 -9.00
C GLY B 161 6.52 22.23 -9.19
N ARG B 162 6.05 21.58 -10.25
CA ARG B 162 4.61 21.49 -10.48
C ARG B 162 3.92 20.63 -9.43
N ASN B 163 4.65 19.70 -8.83
CA ASN B 163 4.14 18.85 -7.75
C ASN B 163 2.86 18.12 -8.16
N PHE B 164 3.01 17.27 -9.18
CA PHE B 164 1.89 16.51 -9.73
C PHE B 164 2.38 15.14 -10.16
N PRO B 165 2.43 14.19 -9.22
CA PRO B 165 2.81 12.82 -9.55
C PRO B 165 1.64 12.10 -10.23
N VAL B 166 1.86 10.83 -10.54
CA VAL B 166 0.83 10.04 -11.22
C VAL B 166 -0.39 9.84 -10.34
N ASP B 167 -0.20 9.72 -9.02
CA ASP B 167 -1.30 9.48 -8.11
C ASP B 167 -2.30 10.65 -8.07
N LYS B 168 -1.97 11.78 -8.68
CA LYS B 168 -2.91 12.89 -8.80
C LYS B 168 -3.68 12.88 -10.13
N VAL B 169 -3.27 12.05 -11.08
CA VAL B 169 -3.87 12.04 -12.41
C VAL B 169 -5.24 11.38 -12.34
N PRO B 170 -6.31 12.10 -12.69
CA PRO B 170 -7.65 11.46 -12.69
C PRO B 170 -7.82 10.48 -13.83
N LEU B 171 -7.23 9.29 -13.67
CA LEU B 171 -7.29 8.22 -14.65
C LEU B 171 -8.69 7.62 -14.86
N PRO B 172 -9.53 7.51 -13.82
CA PRO B 172 -10.89 7.01 -14.09
C PRO B 172 -11.66 7.79 -15.14
N ASN B 173 -11.34 9.07 -15.32
CA ASN B 173 -11.97 9.89 -16.35
C ASN B 173 -11.13 9.98 -17.62
N LEU B 174 -10.23 9.03 -17.84
CA LEU B 174 -9.37 9.01 -19.01
C LEU B 174 -9.32 7.61 -19.60
N SER B 175 -9.34 7.53 -20.92
CA SER B 175 -9.17 6.26 -21.62
C SER B 175 -7.71 5.99 -21.98
N HIS B 176 -6.94 7.05 -22.22
CA HIS B 176 -5.54 6.91 -22.59
C HIS B 176 -4.71 7.91 -21.80
N LEU B 177 -3.51 7.49 -21.39
CA LEU B 177 -2.56 8.33 -20.69
C LEU B 177 -1.28 8.36 -21.51
N LEU B 178 -0.90 9.56 -21.96
CA LEU B 178 0.25 9.74 -22.83
C LEU B 178 1.42 10.27 -22.00
N TYR B 179 2.44 9.43 -21.83
CA TYR B 179 3.60 9.77 -21.01
C TYR B 179 4.64 10.48 -21.88
N GLY B 180 4.83 11.78 -21.63
CA GLY B 180 5.81 12.55 -22.37
C GLY B 180 6.91 13.11 -21.49
N PHE B 181 8.16 12.99 -21.94
CA PHE B 181 8.47 12.38 -23.23
C PHE B 181 9.59 11.35 -23.10
N ILE B 182 9.58 10.35 -23.99
CA ILE B 182 10.63 9.35 -24.06
C ILE B 182 11.66 9.83 -25.10
N PRO B 183 12.86 10.19 -24.70
CA PRO B 183 13.80 10.80 -25.63
C PRO B 183 14.48 9.77 -26.52
N ILE B 184 15.27 10.28 -27.46
CA ILE B 184 16.07 9.47 -28.37
C ILE B 184 17.52 9.88 -28.20
N CYS B 185 18.39 8.91 -27.98
CA CYS B 185 19.79 9.19 -27.68
C CYS B 185 20.49 9.84 -28.87
N GLY B 186 21.45 10.72 -28.56
CA GLY B 186 22.19 11.43 -29.58
C GLY B 186 22.97 12.60 -29.01
N GLY B 187 24.14 12.88 -29.58
CA GLY B 187 25.01 13.95 -29.12
C GLY B 187 24.80 15.24 -29.90
N ASP B 188 25.91 15.91 -30.21
CA ASP B 188 25.84 17.14 -30.98
C ASP B 188 25.36 16.85 -32.40
N GLY B 189 24.47 17.71 -32.91
CA GLY B 189 23.88 17.52 -34.21
C GLY B 189 22.69 16.59 -34.25
N ILE B 190 22.48 15.78 -33.22
CA ILE B 190 21.34 14.87 -33.17
C ILE B 190 20.23 15.38 -32.25
N ASN B 191 20.55 16.22 -31.27
CA ASN B 191 19.57 16.77 -30.34
C ASN B 191 19.95 18.21 -29.99
N ASP B 192 20.25 19.01 -31.01
CA ASP B 192 20.62 20.40 -30.77
C ASP B 192 19.47 21.25 -30.26
N ALA B 193 18.22 20.79 -30.44
CA ALA B 193 17.08 21.53 -29.91
C ALA B 193 17.02 21.49 -28.39
N LEU B 194 17.69 20.52 -27.77
CA LEU B 194 17.67 20.43 -26.31
C LEU B 194 18.53 21.50 -25.65
N LYS B 195 19.48 22.07 -26.38
CA LYS B 195 20.34 23.11 -25.82
C LYS B 195 19.59 24.40 -25.54
N THR B 196 18.35 24.54 -26.04
CA THR B 196 17.54 25.71 -25.73
C THR B 196 17.16 25.73 -24.25
N ILE B 197 17.03 24.56 -23.63
CA ILE B 197 16.70 24.44 -22.21
C ILE B 197 17.98 24.14 -21.44
N SER B 198 18.19 24.86 -20.35
CA SER B 198 19.42 24.73 -19.58
C SER B 198 19.48 23.36 -18.90
N GLY B 199 20.59 22.66 -19.08
CA GLY B 199 20.78 21.35 -18.49
C GLY B 199 19.99 20.23 -19.10
N SER B 200 19.08 20.52 -20.04
CA SER B 200 18.28 19.46 -20.64
C SER B 200 19.11 18.61 -21.60
N PHE B 201 19.94 19.26 -22.42
CA PHE B 201 20.81 18.51 -23.33
C PHE B 201 21.83 17.69 -22.56
N GLU B 202 22.36 18.25 -21.46
CA GLU B 202 23.34 17.52 -20.67
C GLU B 202 22.72 16.33 -19.96
N SER B 203 21.45 16.42 -19.57
CA SER B 203 20.80 15.32 -18.86
C SER B 203 20.63 14.12 -19.77
N LEU B 204 20.28 14.34 -21.04
CA LEU B 204 20.12 13.22 -21.95
C LEU B 204 21.44 12.53 -22.24
N GLN B 205 22.52 13.32 -22.39
CA GLN B 205 23.84 12.74 -22.58
C GLN B 205 24.24 11.91 -21.36
N ARG B 206 24.03 12.47 -20.16
CA ARG B 206 24.31 11.72 -18.93
C ARG B 206 23.40 10.51 -18.81
N SER B 207 22.21 10.57 -19.42
CA SER B 207 21.32 9.41 -19.42
C SER B 207 21.67 8.42 -20.53
N CYS B 208 22.24 8.92 -21.63
CA CYS B 208 22.65 8.07 -22.75
C CYS B 208 24.15 7.81 -22.76
N LYS B 209 24.80 7.86 -21.61
CA LYS B 209 26.24 7.60 -21.55
C LYS B 209 26.52 6.15 -21.91
N GLY B 210 27.45 5.94 -22.85
CA GLY B 210 27.75 4.62 -23.36
C GLY B 210 26.68 4.02 -24.25
N ARG B 211 25.48 4.58 -24.28
CA ARG B 211 24.40 4.07 -25.11
C ARG B 211 24.49 4.70 -26.49
N GLU B 212 24.15 3.91 -27.51
CA GLU B 212 24.38 4.35 -28.88
C GLU B 212 23.20 5.14 -29.41
N ASP B 213 23.45 5.87 -30.50
CA ASP B 213 22.58 6.95 -30.95
C ASP B 213 21.32 6.43 -31.61
N PHE B 214 20.36 7.34 -31.83
CA PHE B 214 19.11 7.07 -32.52
C PHE B 214 18.34 5.93 -31.86
N LYS B 215 18.30 5.94 -30.53
CA LYS B 215 17.70 4.86 -29.76
C LYS B 215 17.07 5.43 -28.50
N VAL B 216 15.91 4.90 -28.13
CA VAL B 216 15.13 5.50 -27.05
C VAL B 216 15.79 5.20 -25.71
N ALA B 217 15.53 6.07 -24.75
CA ALA B 217 15.98 5.89 -23.38
C ALA B 217 15.00 6.59 -22.44
N ILE B 218 15.50 7.13 -21.33
CA ILE B 218 14.70 7.92 -20.41
C ILE B 218 15.43 9.23 -20.14
N HIS B 219 14.71 10.35 -20.28
CA HIS B 219 15.34 11.65 -20.11
C HIS B 219 15.79 11.86 -18.67
N ASP B 220 14.90 11.58 -17.71
CA ASP B 220 15.19 11.75 -16.29
C ASP B 220 14.82 10.45 -15.59
N PRO B 221 15.78 9.54 -15.39
CA PRO B 221 15.46 8.28 -14.72
C PRO B 221 15.10 8.45 -13.26
N TRP B 222 15.45 9.58 -12.64
CA TRP B 222 15.04 9.85 -11.28
C TRP B 222 13.53 9.96 -11.16
N ALA B 223 12.94 10.93 -11.85
CA ALA B 223 11.50 11.10 -11.81
C ALA B 223 10.75 9.92 -12.43
N ALA B 224 11.42 9.15 -13.28
CA ALA B 224 10.73 8.07 -13.99
C ALA B 224 10.56 6.84 -13.12
N VAL B 225 11.63 6.37 -12.48
CA VAL B 225 11.60 5.06 -11.86
C VAL B 225 12.33 5.05 -10.52
N GLN B 226 13.02 6.14 -10.20
CA GLN B 226 13.85 6.17 -8.99
C GLN B 226 13.28 7.02 -7.87
N LYS B 227 12.54 8.08 -8.16
CA LYS B 227 12.09 8.98 -7.10
C LYS B 227 11.03 8.31 -6.25
N PRO B 228 11.16 8.33 -4.92
CA PRO B 228 10.12 7.73 -4.07
C PRO B 228 8.80 8.48 -4.21
N GLN B 229 7.72 7.73 -4.45
CA GLN B 229 6.41 8.30 -4.65
C GLN B 229 5.38 7.52 -3.81
N LYS B 230 4.13 7.95 -3.89
CA LYS B 230 3.06 7.31 -3.14
C LYS B 230 2.89 5.86 -3.58
N SER B 231 2.64 4.98 -2.61
CA SER B 231 2.49 3.53 -2.76
C SER B 231 3.78 2.85 -3.23
N VAL B 232 4.85 3.59 -3.47
CA VAL B 232 6.14 3.04 -3.86
C VAL B 232 7.24 3.83 -3.17
N SER B 233 7.08 4.06 -1.87
CA SER B 233 7.99 4.90 -1.11
C SER B 233 8.95 4.11 -0.23
N ALA B 234 8.71 2.82 -0.03
CA ALA B 234 9.69 1.99 0.65
C ALA B 234 10.98 1.94 -0.17
N TRP B 235 12.11 1.76 0.51
CA TRP B 235 13.39 1.86 -0.20
C TRP B 235 13.85 0.54 -0.79
N ASN B 236 13.30 -0.60 -0.34
CA ASN B 236 13.50 -1.85 -1.04
C ASN B 236 12.49 -2.05 -2.17
N GLU B 237 11.82 -0.97 -2.57
CA GLU B 237 10.84 -1.05 -3.67
C GLU B 237 11.57 -1.28 -4.98
N PRO B 238 11.22 -2.31 -5.74
CA PRO B 238 11.93 -2.55 -7.00
C PRO B 238 11.67 -1.49 -8.05
N TYR B 239 10.52 -0.83 -8.02
CA TYR B 239 10.17 0.18 -9.02
C TYR B 239 9.52 1.36 -8.33
N LYS B 240 10.09 2.55 -8.49
CA LYS B 240 9.48 3.77 -7.97
C LYS B 240 9.19 4.74 -9.11
N GLY B 241 9.28 6.04 -8.82
CA GLY B 241 9.09 7.08 -9.81
C GLY B 241 7.71 7.04 -10.46
N ASN B 242 7.63 7.69 -11.61
CA ASN B 242 6.38 7.70 -12.36
C ASN B 242 6.05 6.32 -12.90
N PHE B 243 7.07 5.56 -13.32
CA PHE B 243 6.82 4.22 -13.83
C PHE B 243 6.23 3.31 -12.76
N GLY B 244 6.77 3.39 -11.54
CA GLY B 244 6.26 2.54 -10.48
C GLY B 244 4.80 2.82 -10.16
N GLN B 245 4.40 4.09 -10.15
CA GLN B 245 3.01 4.43 -9.91
C GLN B 245 2.13 4.04 -11.08
N LEU B 246 2.64 4.19 -12.32
CA LEU B 246 1.87 3.80 -13.48
C LEU B 246 1.57 2.31 -13.48
N MET B 247 2.51 1.49 -12.99
CA MET B 247 2.23 0.07 -12.85
C MET B 247 1.11 -0.17 -11.85
N ALA B 248 1.16 0.50 -10.70
CA ALA B 248 0.13 0.31 -9.68
C ALA B 248 -1.18 0.99 -10.07
N ALA B 249 -1.11 2.13 -10.75
CA ALA B 249 -2.33 2.80 -11.19
C ALA B 249 -3.04 2.03 -12.29
N LYS B 250 -2.28 1.32 -13.13
CA LYS B 250 -2.89 0.53 -14.19
C LYS B 250 -3.71 -0.62 -13.61
N LEU B 251 -3.33 -1.13 -12.44
CA LEU B 251 -4.12 -2.17 -11.79
C LEU B 251 -5.45 -1.61 -11.30
N ALA B 252 -5.42 -0.45 -10.62
CA ALA B 252 -6.65 0.17 -10.16
C ALA B 252 -7.51 0.67 -11.31
N ASN B 253 -6.91 0.96 -12.47
CA ASN B 253 -7.63 1.41 -13.65
C ASN B 253 -7.26 0.47 -14.81
N PRO B 254 -7.87 -0.71 -14.86
CA PRO B 254 -7.55 -1.65 -15.95
C PRO B 254 -8.06 -1.21 -17.30
N HIS B 255 -9.06 -0.32 -17.35
CA HIS B 255 -9.52 0.21 -18.62
C HIS B 255 -8.48 1.10 -19.27
N LEU B 256 -7.59 1.69 -18.47
CA LEU B 256 -6.65 2.68 -18.96
C LEU B 256 -5.63 2.05 -19.92
N LYS B 257 -5.31 2.79 -20.98
CA LYS B 257 -4.26 2.42 -21.92
C LYS B 257 -3.14 3.45 -21.81
N ILE B 258 -1.93 2.97 -21.55
CA ILE B 258 -0.77 3.83 -21.31
C ILE B 258 0.15 3.75 -22.53
N LEU B 259 0.47 4.91 -23.11
CA LEU B 259 1.29 4.97 -24.29
C LEU B 259 2.50 5.87 -24.06
N PRO B 260 3.68 5.46 -24.53
CA PRO B 260 4.87 6.31 -24.41
C PRO B 260 4.94 7.32 -25.55
N SER B 261 5.10 8.59 -25.19
CA SER B 261 5.22 9.66 -26.16
C SER B 261 6.69 9.87 -26.48
N ILE B 262 7.10 9.48 -27.69
CA ILE B 262 8.49 9.55 -28.13
C ILE B 262 8.66 10.83 -28.93
N GLY B 263 9.37 11.81 -28.36
CA GLY B 263 9.66 13.03 -29.07
C GLY B 263 9.20 14.28 -28.36
N GLY B 264 8.44 15.12 -29.06
CA GLY B 264 7.97 16.38 -28.53
C GLY B 264 8.58 17.56 -29.25
N TRP B 265 8.51 18.71 -28.60
CA TRP B 265 9.06 19.94 -29.19
C TRP B 265 10.58 19.91 -29.23
N THR B 266 11.22 19.46 -28.14
CA THR B 266 12.66 19.51 -28.02
C THR B 266 13.35 18.19 -28.36
N LEU B 267 12.62 17.09 -28.47
CA LEU B 267 13.20 15.78 -28.69
C LEU B 267 12.92 15.23 -30.09
N SER B 268 12.46 16.06 -31.02
CA SER B 268 12.12 15.61 -32.35
C SER B 268 13.30 15.65 -33.32
N ASP B 269 14.45 16.17 -32.89
CA ASP B 269 15.58 16.31 -33.81
C ASP B 269 16.09 15.01 -34.40
N PRO B 270 16.21 13.89 -33.66
CA PRO B 270 16.69 12.66 -34.30
C PRO B 270 15.78 12.14 -35.39
N PHE B 271 14.53 12.58 -35.45
CA PHE B 271 13.60 12.08 -36.46
C PHE B 271 14.03 12.48 -37.87
N TYR B 272 14.54 13.70 -38.04
CA TYR B 272 14.88 14.20 -39.37
C TYR B 272 15.98 13.38 -40.03
N PHE B 273 16.83 12.71 -39.25
CA PHE B 273 17.92 11.92 -39.79
C PHE B 273 17.52 10.47 -40.09
N MET B 274 16.29 10.08 -39.78
CA MET B 274 15.85 8.71 -39.98
C MET B 274 15.52 8.40 -41.43
N HIS B 275 15.84 9.29 -42.38
CA HIS B 275 15.77 8.93 -43.78
C HIS B 275 16.78 7.85 -44.12
N ASP B 276 17.88 7.80 -43.37
CA ASP B 276 18.79 6.67 -43.47
C ASP B 276 18.10 5.40 -42.98
N VAL B 277 18.21 4.33 -43.78
CA VAL B 277 17.50 3.10 -43.45
C VAL B 277 18.16 2.36 -42.29
N GLU B 278 19.44 2.60 -42.03
CA GLU B 278 20.15 1.87 -40.98
C GLU B 278 20.23 2.63 -39.67
N LYS B 279 19.86 3.92 -39.65
CA LYS B 279 19.64 4.63 -38.41
C LYS B 279 18.16 4.70 -38.04
N ARG B 280 17.28 4.23 -38.92
CA ARG B 280 15.85 4.14 -38.64
C ARG B 280 15.47 2.80 -38.03
N ASN B 281 15.88 1.69 -38.67
CA ASN B 281 15.60 0.37 -38.13
C ASN B 281 16.25 0.18 -36.77
N VAL B 282 17.33 0.91 -36.49
CA VAL B 282 17.87 0.94 -35.13
C VAL B 282 16.82 1.49 -34.17
N PHE B 283 16.25 2.65 -34.49
CA PHE B 283 15.26 3.28 -33.61
C PHE B 283 14.05 2.38 -33.40
N VAL B 284 13.64 1.64 -34.43
CA VAL B 284 12.41 0.87 -34.35
C VAL B 284 12.54 -0.28 -33.35
N ASP B 285 13.78 -0.75 -33.12
CA ASP B 285 13.96 -2.03 -32.44
C ASP B 285 13.67 -1.94 -30.94
N SER B 286 14.04 -0.83 -30.29
CA SER B 286 13.71 -0.72 -28.87
C SER B 286 12.22 -0.54 -28.64
N VAL B 287 11.50 0.11 -29.55
CA VAL B 287 10.05 0.15 -29.42
C VAL B 287 9.48 -1.26 -29.32
N LYS B 288 10.22 -2.27 -29.77
CA LYS B 288 9.96 -3.66 -29.46
C LYS B 288 10.62 -4.07 -28.15
N GLU B 289 11.80 -3.54 -27.85
CA GLU B 289 12.55 -3.91 -26.65
C GLU B 289 12.16 -3.07 -25.43
N PHE B 290 11.95 -1.76 -25.63
CA PHE B 290 11.48 -0.91 -24.54
C PHE B 290 10.16 -1.40 -23.97
N LEU B 291 9.30 -1.96 -24.83
CA LEU B 291 8.00 -2.45 -24.38
C LEU B 291 8.08 -3.81 -23.71
N GLN B 292 9.11 -4.60 -24.01
CA GLN B 292 9.32 -5.84 -23.25
C GLN B 292 9.95 -5.55 -21.90
N VAL B 293 10.84 -4.56 -21.84
CA VAL B 293 11.36 -4.13 -20.54
C VAL B 293 10.26 -3.47 -19.72
N TRP B 294 9.58 -2.49 -20.32
CA TRP B 294 8.48 -1.77 -19.68
C TRP B 294 7.18 -2.27 -20.29
N LYS B 295 6.55 -3.23 -19.62
CA LYS B 295 5.35 -3.88 -20.15
C LYS B 295 4.07 -3.10 -19.87
N PHE B 296 4.12 -2.10 -18.98
CA PHE B 296 2.91 -1.36 -18.63
C PHE B 296 2.46 -0.40 -19.72
N PHE B 297 3.28 -0.17 -20.74
CA PHE B 297 2.85 0.61 -21.90
C PHE B 297 2.03 -0.26 -22.85
N ASP B 298 1.06 0.35 -23.50
CA ASP B 298 0.15 -0.36 -24.39
C ASP B 298 0.31 0.02 -25.85
N GLY B 299 1.39 0.70 -26.21
CA GLY B 299 1.58 1.07 -27.60
C GLY B 299 2.70 2.05 -27.86
N VAL B 300 2.50 2.96 -28.81
CA VAL B 300 3.49 3.97 -29.17
C VAL B 300 2.76 5.27 -29.45
N ASP B 301 3.40 6.38 -29.10
CA ASP B 301 2.95 7.71 -29.51
C ASP B 301 4.11 8.43 -30.17
N VAL B 302 3.99 8.70 -31.46
CA VAL B 302 5.06 9.32 -32.24
C VAL B 302 4.79 10.83 -32.28
N ASP B 303 5.64 11.60 -31.62
CA ASP B 303 5.47 13.05 -31.58
C ASP B 303 6.56 13.74 -32.38
N TRP B 304 6.66 13.43 -33.66
CA TRP B 304 7.61 14.10 -34.55
C TRP B 304 7.12 15.52 -34.81
N GLU B 305 7.85 16.50 -34.32
CA GLU B 305 7.43 17.89 -34.45
C GLU B 305 8.51 18.78 -35.06
N PHE B 306 8.43 19.01 -36.37
CA PHE B 306 7.42 18.41 -37.22
C PHE B 306 8.10 17.85 -38.47
N PRO B 307 7.49 16.85 -39.11
CA PRO B 307 8.05 16.35 -40.37
C PRO B 307 7.98 17.41 -41.46
N GLY B 308 9.13 17.98 -41.81
CA GLY B 308 9.20 19.06 -42.79
C GLY B 308 9.82 20.34 -42.25
N GLY B 309 10.02 20.47 -40.94
CA GLY B 309 10.64 21.65 -40.38
C GLY B 309 9.82 22.37 -39.34
N LYS B 310 10.14 23.65 -39.11
CA LYS B 310 9.43 24.53 -38.19
C LYS B 310 9.62 24.10 -36.75
N GLY B 311 10.33 22.99 -36.53
CA GLY B 311 10.64 22.54 -35.18
C GLY B 311 11.46 23.53 -34.39
N ALA B 312 11.83 23.15 -33.16
CA ALA B 312 12.62 24.04 -32.33
C ALA B 312 13.96 24.39 -32.97
N ASN B 313 14.49 23.49 -33.80
CA ASN B 313 15.75 23.75 -34.49
C ASN B 313 15.46 24.18 -35.91
N PRO B 314 15.71 25.44 -36.28
CA PRO B 314 15.41 25.89 -37.65
C PRO B 314 16.38 25.34 -38.69
N SER B 315 17.48 24.72 -38.28
CA SER B 315 18.43 24.17 -39.24
C SER B 315 17.89 22.92 -39.91
N LEU B 316 17.05 22.16 -39.21
CA LEU B 316 16.52 20.91 -39.74
C LEU B 316 15.19 21.15 -40.44
N GLY B 317 14.94 20.36 -41.48
CA GLY B 317 13.67 20.43 -42.17
C GLY B 317 13.73 20.22 -43.67
N ASP B 318 12.93 19.27 -44.16
CA ASP B 318 12.73 19.10 -45.60
C ASP B 318 11.34 18.51 -45.78
N ALA B 319 10.50 19.20 -46.55
CA ALA B 319 9.08 18.86 -46.59
C ALA B 319 8.85 17.49 -47.20
N GLU B 320 9.26 17.29 -48.45
CA GLU B 320 8.84 16.13 -49.22
C GLU B 320 9.84 14.98 -49.16
N ARG B 321 10.87 15.06 -48.32
CA ARG B 321 11.71 13.89 -48.04
C ARG B 321 11.38 13.26 -46.70
N ASP B 322 11.26 14.07 -45.65
CA ASP B 322 10.79 13.57 -44.36
C ASP B 322 9.36 13.06 -44.45
N ALA B 323 8.59 13.53 -45.43
CA ALA B 323 7.25 12.99 -45.64
C ALA B 323 7.29 11.52 -46.00
N LYS B 324 8.35 11.08 -46.68
CA LYS B 324 8.52 9.65 -46.96
C LYS B 324 9.02 8.91 -45.73
N THR B 325 9.91 9.53 -44.96
CA THR B 325 10.41 8.90 -43.75
C THR B 325 9.30 8.68 -42.73
N TYR B 326 8.45 9.69 -42.55
CA TYR B 326 7.34 9.58 -41.59
C TYR B 326 6.42 8.43 -41.95
N ILE B 327 6.19 8.20 -43.25
CA ILE B 327 5.36 7.08 -43.68
C ILE B 327 6.07 5.76 -43.39
N LEU B 328 7.31 5.64 -43.84
CA LEU B 328 8.03 4.37 -43.71
C LEU B 328 8.37 4.06 -42.26
N LEU B 329 8.51 5.09 -41.42
CA LEU B 329 8.71 4.86 -39.99
C LEU B 329 7.47 4.24 -39.36
N LEU B 330 6.28 4.75 -39.69
CA LEU B 330 5.05 4.23 -39.12
C LEU B 330 4.76 2.82 -39.62
N GLU B 331 5.09 2.54 -40.88
CA GLU B 331 4.90 1.20 -41.42
C GLU B 331 5.77 0.19 -40.69
N GLU B 332 7.04 0.53 -40.44
CA GLU B 332 7.92 -0.37 -39.72
C GLU B 332 7.52 -0.51 -38.26
N LEU B 333 7.07 0.59 -37.65
CA LEU B 333 6.60 0.53 -36.27
C LEU B 333 5.34 -0.32 -36.15
N ARG B 334 4.44 -0.21 -37.12
CA ARG B 334 3.22 -1.02 -37.10
C ARG B 334 3.54 -2.49 -37.28
N ALA B 335 4.43 -2.82 -38.22
CA ALA B 335 4.81 -4.21 -38.42
C ALA B 335 5.53 -4.78 -37.21
N MET B 336 6.30 -3.94 -36.51
CA MET B 336 7.00 -4.41 -35.32
C MET B 336 6.03 -4.67 -34.17
N LEU B 337 5.05 -3.78 -33.98
CA LEU B 337 4.06 -3.98 -32.93
C LEU B 337 3.22 -5.22 -33.18
N ASP B 338 2.93 -5.50 -34.46
CA ASP B 338 2.17 -6.71 -34.78
C ASP B 338 2.93 -7.96 -34.37
N ASP B 339 4.25 -7.93 -34.43
CA ASP B 339 5.05 -9.02 -33.87
C ASP B 339 4.84 -9.13 -32.37
N LEU B 340 4.82 -7.98 -31.68
CA LEU B 340 4.59 -7.99 -30.24
C LEU B 340 3.20 -8.51 -29.89
N GLU B 341 2.21 -8.20 -30.73
CA GLU B 341 0.85 -8.66 -30.45
C GLU B 341 0.76 -10.18 -30.53
N ALA B 342 1.40 -10.78 -31.55
CA ALA B 342 1.47 -12.23 -31.60
C ALA B 342 2.46 -12.79 -30.59
N GLN B 343 3.41 -11.98 -30.13
CA GLN B 343 4.39 -12.43 -29.15
C GLN B 343 3.80 -12.49 -27.75
N THR B 344 2.98 -11.48 -27.40
CA THR B 344 2.44 -11.37 -26.04
C THR B 344 0.95 -11.61 -25.97
N GLY B 345 0.26 -11.78 -27.10
CA GLY B 345 -1.18 -11.89 -27.07
C GLY B 345 -1.91 -10.62 -26.69
N ARG B 346 -1.21 -9.49 -26.66
CA ARG B 346 -1.79 -8.21 -26.27
C ARG B 346 -2.18 -7.41 -27.49
N VAL B 347 -2.71 -6.20 -27.25
CA VAL B 347 -3.09 -5.27 -28.29
C VAL B 347 -2.22 -4.03 -28.14
N TYR B 348 -1.44 -3.72 -29.17
CA TYR B 348 -0.56 -2.56 -29.16
C TYR B 348 -1.04 -1.54 -30.17
N GLU B 349 -1.11 -0.28 -29.74
CA GLU B 349 -1.56 0.83 -30.58
C GLU B 349 -0.35 1.60 -31.11
N LEU B 350 -0.58 2.30 -32.23
CA LEU B 350 0.43 3.16 -32.83
C LEU B 350 -0.24 4.48 -33.18
N THR B 351 0.00 5.50 -32.37
CA THR B 351 -0.60 6.81 -32.54
C THR B 351 0.49 7.85 -32.81
N SER B 352 0.04 9.03 -33.22
CA SER B 352 0.95 10.14 -33.51
C SER B 352 0.21 11.45 -33.33
N ALA B 353 0.91 12.43 -32.77
CA ALA B 353 0.37 13.77 -32.58
C ALA B 353 0.92 14.70 -33.65
N ILE B 354 0.01 15.35 -34.38
CA ILE B 354 0.38 16.24 -35.47
C ILE B 354 -0.15 17.63 -35.16
N SER B 355 0.45 18.62 -35.82
CA SER B 355 0.04 20.00 -35.62
C SER B 355 -1.23 20.31 -36.40
N ALA B 356 -1.93 21.35 -35.95
CA ALA B 356 -3.15 21.81 -36.58
C ALA B 356 -2.90 22.90 -37.62
N GLY B 357 -1.68 22.98 -38.15
CA GLY B 357 -1.35 23.98 -39.15
C GLY B 357 -1.47 23.40 -40.54
N TYR B 358 -2.29 24.05 -41.37
CA TYR B 358 -2.50 23.57 -42.73
C TYR B 358 -1.19 23.54 -43.51
N ASP B 359 -0.30 24.50 -43.26
CA ASP B 359 1.00 24.49 -43.90
C ASP B 359 1.85 23.29 -43.45
N LYS B 360 1.51 22.68 -42.31
CA LYS B 360 2.17 21.49 -41.82
C LYS B 360 1.40 20.22 -42.14
N ILE B 361 0.06 20.27 -42.08
CA ILE B 361 -0.75 19.13 -42.47
C ILE B 361 -0.59 18.82 -43.95
N ALA B 362 -0.32 19.84 -44.76
CA ALA B 362 -0.13 19.63 -46.19
C ALA B 362 1.22 19.02 -46.53
N VAL B 363 2.20 19.11 -45.63
CA VAL B 363 3.52 18.53 -45.87
C VAL B 363 3.38 17.01 -45.93
N VAL B 364 3.23 16.38 -44.78
CA VAL B 364 2.94 14.96 -44.71
C VAL B 364 1.44 14.78 -44.70
N ASN B 365 0.93 13.98 -45.64
CA ASN B 365 -0.51 13.83 -45.83
C ASN B 365 -0.89 12.39 -45.47
N TYR B 366 -1.92 12.25 -44.64
CA TYR B 366 -2.10 11.09 -43.79
C TYR B 366 -3.09 10.06 -44.34
N ALA B 367 -3.47 10.15 -45.62
CA ALA B 367 -4.27 9.08 -46.19
C ALA B 367 -3.47 7.78 -46.25
N GLU B 368 -2.16 7.88 -46.40
CA GLU B 368 -1.28 6.72 -46.30
C GLU B 368 -0.86 6.44 -44.88
N ALA B 369 -0.71 7.48 -44.05
CA ALA B 369 -0.28 7.28 -42.67
C ALA B 369 -1.36 6.59 -41.84
N GLN B 370 -2.63 6.74 -42.23
CA GLN B 370 -3.71 6.10 -41.49
C GLN B 370 -3.74 4.59 -41.69
N LYS B 371 -3.01 4.06 -42.66
CA LYS B 371 -2.91 2.61 -42.85
C LYS B 371 -2.07 1.94 -41.77
N SER B 372 -1.44 2.71 -40.89
CA SER B 372 -0.71 2.16 -39.75
C SER B 372 -1.05 2.81 -38.42
N LEU B 373 -1.57 4.04 -38.42
CA LEU B 373 -1.94 4.72 -37.19
C LEU B 373 -3.34 4.31 -36.75
N GLY B 374 -3.52 4.20 -35.43
CA GLY B 374 -4.82 3.90 -34.87
C GLY B 374 -5.56 5.15 -34.46
N LYS B 375 -4.81 6.19 -34.11
CA LYS B 375 -5.37 7.48 -33.73
C LYS B 375 -4.37 8.58 -34.10
N ILE B 376 -4.90 9.75 -34.42
CA ILE B 376 -4.10 10.92 -34.78
C ILE B 376 -4.48 12.05 -33.83
N PHE B 377 -3.52 12.51 -33.04
CA PHE B 377 -3.75 13.56 -32.04
C PHE B 377 -3.47 14.90 -32.70
N LEU B 378 -4.54 15.53 -33.21
CA LEU B 378 -4.41 16.83 -33.87
C LEU B 378 -4.19 17.91 -32.83
N MET B 379 -2.97 18.43 -32.75
CA MET B 379 -2.59 19.43 -31.76
C MET B 379 -3.22 20.77 -32.13
N SER B 380 -4.47 20.94 -31.71
CA SER B 380 -5.26 22.13 -32.06
C SER B 380 -5.13 23.19 -30.99
N TYR B 381 -3.89 23.62 -30.75
CA TYR B 381 -3.60 24.68 -29.80
C TYR B 381 -2.29 25.34 -30.18
N ASP B 382 -1.91 26.35 -29.41
CA ASP B 382 -0.71 27.16 -29.67
C ASP B 382 -0.76 27.81 -31.06
N PHE B 383 -1.96 28.20 -31.47
CA PHE B 383 -2.09 28.96 -32.72
C PHE B 383 -1.44 30.33 -32.61
N LYS B 384 -1.65 31.01 -31.47
CA LYS B 384 -1.08 32.30 -31.20
C LYS B 384 -0.38 32.26 -29.85
N GLY B 385 0.60 33.15 -29.68
CA GLY B 385 1.36 33.15 -28.44
C GLY B 385 2.09 34.46 -28.24
N ALA B 386 2.82 34.51 -27.12
CA ALA B 386 3.58 35.70 -26.75
C ALA B 386 4.88 35.84 -27.52
N TRP B 387 5.21 34.89 -28.40
CA TRP B 387 6.38 35.02 -29.25
C TRP B 387 6.25 36.18 -30.23
N SER B 388 5.04 36.68 -30.45
CA SER B 388 4.81 37.82 -31.33
C SER B 388 3.79 38.74 -30.67
N ASN B 389 4.22 39.95 -30.33
CA ASN B 389 3.30 40.95 -29.78
C ASN B 389 2.39 41.56 -30.84
N THR B 390 2.67 41.33 -32.11
CA THR B 390 1.84 41.86 -33.19
C THR B 390 0.70 40.93 -33.55
N ASP B 391 1.01 39.66 -33.82
CA ASP B 391 0.01 38.67 -34.24
C ASP B 391 -0.73 38.18 -33.01
N LEU B 392 -1.66 39.00 -32.53
CA LEU B 392 -2.51 38.65 -31.40
C LEU B 392 -3.75 37.91 -31.90
N GLY B 393 -4.06 36.80 -31.27
CA GLY B 393 -5.22 36.04 -31.67
C GLY B 393 -5.51 34.94 -30.66
N TYR B 394 -6.36 34.00 -31.08
CA TYR B 394 -6.73 32.89 -30.22
C TYR B 394 -5.65 31.82 -30.23
N GLN B 395 -5.19 31.43 -29.04
CA GLN B 395 -4.23 30.34 -28.95
C GLN B 395 -4.84 29.04 -29.44
N THR B 396 -6.10 28.77 -29.08
CA THR B 396 -6.82 27.60 -29.57
C THR B 396 -8.27 27.96 -29.75
N THR B 397 -8.86 27.48 -30.85
CA THR B 397 -10.24 27.81 -31.18
C THR B 397 -10.74 26.81 -32.20
N VAL B 398 -12.06 26.67 -32.27
CA VAL B 398 -12.67 25.77 -33.24
C VAL B 398 -12.81 26.44 -34.60
N TYR B 399 -13.50 27.57 -34.65
CA TYR B 399 -13.73 28.31 -35.88
C TYR B 399 -12.89 29.59 -35.87
N ALA B 400 -13.07 30.40 -36.90
CA ALA B 400 -12.34 31.66 -37.00
C ALA B 400 -12.96 32.72 -36.10
N PRO B 401 -12.13 33.60 -35.53
CA PRO B 401 -12.65 34.59 -34.56
C PRO B 401 -13.69 35.50 -35.16
N SER B 402 -14.39 36.22 -34.28
CA SER B 402 -15.41 37.16 -34.72
C SER B 402 -14.78 38.37 -35.41
N TRP B 403 -13.64 38.84 -34.90
CA TRP B 403 -12.96 39.98 -35.48
C TRP B 403 -12.07 39.62 -36.66
N ASN B 404 -12.01 38.35 -37.04
CA ASN B 404 -11.24 37.93 -38.21
C ASN B 404 -11.82 36.56 -38.60
N SER B 405 -12.79 36.58 -39.53
CA SER B 405 -13.69 35.45 -39.74
C SER B 405 -13.15 34.42 -40.73
N GLU B 406 -11.88 34.51 -41.12
CA GLU B 406 -11.25 33.46 -41.92
C GLU B 406 -9.77 33.34 -41.54
N GLU B 407 -9.51 33.08 -40.27
CA GLU B 407 -8.19 32.66 -39.83
C GLU B 407 -7.99 31.18 -40.17
N LEU B 408 -6.93 30.87 -40.89
CA LEU B 408 -6.69 29.49 -41.29
C LEU B 408 -6.11 28.63 -40.17
N TYR B 409 -5.69 29.23 -39.06
CA TYR B 409 -5.23 28.47 -37.91
C TYR B 409 -6.37 28.29 -36.91
N THR B 410 -7.31 27.42 -37.28
CA THR B 410 -8.43 27.04 -36.43
C THR B 410 -8.56 25.53 -36.43
N THR B 411 -9.32 25.02 -35.45
CA THR B 411 -9.52 23.57 -35.35
C THR B 411 -10.38 23.06 -36.51
N HIS B 412 -11.39 23.83 -36.91
CA HIS B 412 -12.24 23.41 -38.03
C HIS B 412 -11.42 23.19 -39.29
N TYR B 413 -10.65 24.21 -39.69
CA TYR B 413 -9.84 24.09 -40.91
C TYR B 413 -8.83 22.95 -40.78
N ALA B 414 -8.25 22.78 -39.59
CA ALA B 414 -7.30 21.69 -39.38
C ALA B 414 -8.00 20.34 -39.45
N VAL B 415 -9.16 20.20 -38.80
CA VAL B 415 -9.93 18.97 -38.91
C VAL B 415 -10.36 18.75 -40.36
N ASP B 416 -10.84 19.81 -41.01
CA ASP B 416 -11.29 19.68 -42.39
C ASP B 416 -10.14 19.41 -43.34
N ALA B 417 -8.93 19.85 -42.99
CA ALA B 417 -7.77 19.60 -43.84
C ALA B 417 -7.49 18.11 -43.95
N LEU B 418 -7.62 17.39 -42.83
CA LEU B 418 -7.42 15.94 -42.87
C LEU B 418 -8.54 15.25 -43.64
N LEU B 419 -9.77 15.76 -43.51
CA LEU B 419 -10.92 15.12 -44.17
C LEU B 419 -10.81 15.21 -45.68
N LYS B 420 -10.25 16.31 -46.20
CA LYS B 420 -10.18 16.51 -47.64
C LYS B 420 -9.31 15.47 -48.33
N GLN B 421 -8.50 14.74 -47.59
CA GLN B 421 -7.64 13.72 -48.19
C GLN B 421 -8.26 12.33 -48.19
N GLY B 422 -9.24 12.08 -47.34
CA GLY B 422 -9.77 10.74 -47.12
C GLY B 422 -9.45 10.18 -45.75
N VAL B 423 -8.82 10.96 -44.87
CA VAL B 423 -8.59 10.51 -43.51
C VAL B 423 -9.93 10.31 -42.83
N ASP B 424 -10.17 9.08 -42.38
CA ASP B 424 -11.43 8.77 -41.72
C ASP B 424 -11.55 9.60 -40.44
N PRO B 425 -12.75 10.10 -40.11
CA PRO B 425 -12.91 10.85 -38.86
C PRO B 425 -12.74 10.00 -37.61
N ASN B 426 -12.50 8.70 -37.75
CA ASN B 426 -12.31 7.84 -36.59
C ASN B 426 -11.03 8.18 -35.84
N LYS B 427 -9.98 8.55 -36.56
CA LYS B 427 -8.65 8.70 -35.99
C LYS B 427 -8.30 10.14 -35.66
N ILE B 428 -9.15 11.10 -35.99
CA ILE B 428 -8.87 12.51 -35.71
C ILE B 428 -9.29 12.81 -34.29
N ILE B 429 -8.33 13.20 -33.45
CA ILE B 429 -8.56 13.51 -32.04
C ILE B 429 -8.28 15.00 -31.85
N VAL B 430 -9.33 15.75 -31.49
CA VAL B 430 -9.20 17.19 -31.32
C VAL B 430 -8.48 17.48 -30.02
N GLY B 431 -7.50 18.37 -30.07
CA GLY B 431 -6.72 18.72 -28.90
C GLY B 431 -7.37 19.80 -28.05
N VAL B 432 -7.39 19.57 -26.75
CA VAL B 432 -7.88 20.55 -25.78
C VAL B 432 -6.68 21.07 -25.01
N ALA B 433 -6.56 22.40 -24.95
CA ALA B 433 -5.46 23.06 -24.25
C ALA B 433 -5.88 23.37 -22.81
N MET B 434 -5.25 22.68 -21.86
CA MET B 434 -5.46 22.90 -20.43
C MET B 434 -4.63 24.05 -19.89
N TYR B 435 -4.34 25.06 -20.71
CA TYR B 435 -3.52 26.20 -20.32
C TYR B 435 -3.92 27.41 -21.16
N GLY B 436 -3.32 28.56 -20.85
CA GLY B 436 -3.61 29.75 -21.62
C GLY B 436 -2.37 30.59 -21.90
N ARG B 437 -2.16 30.95 -23.17
CA ARG B 437 -1.08 31.83 -23.55
C ARG B 437 -1.59 33.27 -23.58
N GLY B 438 -0.73 34.21 -23.20
CA GLY B 438 -1.17 35.58 -23.07
C GLY B 438 -0.08 36.59 -23.25
N TRP B 439 -0.51 37.86 -23.31
CA TRP B 439 0.37 39.01 -23.45
C TRP B 439 0.05 40.00 -22.35
N THR B 440 1.03 40.84 -22.02
CA THR B 440 0.87 41.84 -20.98
C THR B 440 0.95 43.24 -21.57
N GLY B 441 0.25 44.18 -20.92
CA GLY B 441 0.26 45.56 -21.35
C GLY B 441 -0.18 45.78 -22.79
N VAL B 442 -1.21 45.06 -23.21
CA VAL B 442 -1.71 45.17 -24.58
C VAL B 442 -2.33 46.56 -24.75
N THR B 443 -1.75 47.37 -25.62
CA THR B 443 -2.17 48.75 -25.83
C THR B 443 -2.43 48.99 -27.30
N ASN B 444 -2.87 50.22 -27.61
CA ASN B 444 -3.10 50.67 -28.98
C ASN B 444 -4.09 49.74 -29.68
N TYR B 445 -5.37 49.86 -29.37
CA TYR B 445 -6.40 49.03 -29.98
C TYR B 445 -7.71 49.79 -30.05
N THR B 446 -8.43 49.60 -31.16
CA THR B 446 -9.79 50.09 -31.28
C THR B 446 -10.76 49.09 -30.67
N ASN B 447 -12.05 49.39 -30.77
CA ASN B 447 -13.11 48.45 -30.38
C ASN B 447 -12.90 48.09 -28.91
N ASP B 448 -13.34 46.91 -28.50
CA ASP B 448 -12.94 46.31 -27.23
C ASP B 448 -12.32 44.93 -27.44
N ASN B 449 -11.93 44.61 -28.67
CA ASN B 449 -11.14 43.41 -28.93
C ASN B 449 -9.66 43.76 -28.81
N TYR B 450 -8.97 43.09 -27.91
CA TYR B 450 -7.59 43.39 -27.59
C TYR B 450 -6.60 42.62 -28.45
N PHE B 451 -7.09 41.92 -29.47
CA PHE B 451 -6.25 41.30 -30.47
C PHE B 451 -5.92 42.23 -31.62
N SER B 452 -6.64 43.35 -31.74
CA SER B 452 -6.27 44.41 -32.66
C SER B 452 -5.11 45.24 -32.16
N GLY B 453 -4.77 45.13 -30.89
CA GLY B 453 -3.73 45.93 -30.28
C GLY B 453 -2.35 45.33 -30.41
N THR B 454 -1.48 45.70 -29.48
CA THR B 454 -0.11 45.24 -29.44
C THR B 454 0.32 45.07 -28.00
N GLY B 455 0.79 43.87 -27.65
CA GLY B 455 1.30 43.65 -26.31
C GLY B 455 2.72 44.15 -26.15
N ASN B 456 3.14 44.26 -24.90
CA ASN B 456 4.51 44.69 -24.60
C ASN B 456 5.19 43.65 -23.74
N GLY B 457 5.30 42.42 -24.25
CA GLY B 457 5.92 41.34 -23.53
C GLY B 457 4.94 40.24 -23.18
N PRO B 458 5.46 39.12 -22.70
CA PRO B 458 4.58 38.01 -22.31
C PRO B 458 3.93 38.24 -20.97
N VAL B 459 2.71 37.70 -20.82
CA VAL B 459 2.01 37.81 -19.55
C VAL B 459 2.73 36.98 -18.50
N SER B 460 2.57 37.38 -17.23
CA SER B 460 3.19 36.66 -16.13
C SER B 460 2.57 35.27 -16.02
N GLY B 461 3.39 34.24 -16.27
CA GLY B 461 2.91 32.87 -16.27
C GLY B 461 3.23 32.14 -14.97
N THR B 462 2.72 30.91 -14.90
CA THR B 462 2.94 30.07 -13.73
C THR B 462 4.38 29.59 -13.68
N TRP B 463 4.76 28.73 -14.62
CA TRP B 463 6.10 28.18 -14.69
C TRP B 463 6.96 28.86 -15.76
N GLU B 464 6.39 29.07 -16.95
CA GLU B 464 7.08 29.71 -18.05
C GLU B 464 6.32 30.98 -18.45
N ASP B 465 7.06 32.04 -18.74
CA ASP B 465 6.44 33.28 -19.18
C ASP B 465 5.71 33.08 -20.50
N GLY B 466 4.55 33.72 -20.62
CA GLY B 466 3.72 33.60 -21.81
C GLY B 466 2.75 32.43 -21.78
N VAL B 467 2.82 31.56 -20.76
CA VAL B 467 1.92 30.43 -20.63
C VAL B 467 1.43 30.39 -19.18
N VAL B 468 0.11 30.29 -19.01
CA VAL B 468 -0.51 30.24 -17.69
C VAL B 468 -1.34 28.97 -17.60
N ASP B 469 -1.17 28.22 -16.52
CA ASP B 469 -1.99 27.03 -16.30
C ASP B 469 -3.45 27.42 -16.16
N TYR B 470 -4.33 26.55 -16.65
CA TYR B 470 -5.76 26.81 -16.53
C TYR B 470 -6.20 26.90 -15.07
N ARG B 471 -5.54 26.13 -14.19
CA ARG B 471 -5.91 26.16 -12.78
C ARG B 471 -5.70 27.55 -12.19
N GLN B 472 -4.63 28.23 -12.59
CA GLN B 472 -4.37 29.57 -12.06
C GLN B 472 -5.28 30.62 -12.68
N ILE B 473 -5.70 30.42 -13.94
CA ILE B 473 -6.61 31.36 -14.57
C ILE B 473 -7.91 31.46 -13.78
N GLN B 474 -8.42 30.33 -13.30
CA GLN B 474 -9.66 30.34 -12.54
C GLN B 474 -9.52 31.11 -11.23
N LYS B 475 -8.32 31.17 -10.67
CA LYS B 475 -8.12 31.85 -9.39
C LYS B 475 -8.06 33.37 -9.55
N ASP B 476 -7.43 33.85 -10.61
CA ASP B 476 -7.39 35.27 -10.92
C ASP B 476 -8.57 35.71 -11.78
N LEU B 477 -9.64 34.91 -11.83
CA LEU B 477 -10.71 35.15 -12.79
C LEU B 477 -11.41 36.48 -12.53
N ASN B 478 -11.56 36.85 -11.27
CA ASN B 478 -12.19 38.14 -10.96
C ASN B 478 -11.27 39.31 -11.23
N ASN B 479 -9.97 39.07 -11.40
CA ASN B 479 -9.07 40.09 -11.92
C ASN B 479 -9.25 40.34 -13.41
N TYR B 480 -9.88 39.40 -14.12
CA TYR B 480 -10.10 39.51 -15.56
C TYR B 480 -11.58 39.67 -15.87
N VAL B 481 -11.87 39.94 -17.13
CA VAL B 481 -13.22 39.99 -17.67
C VAL B 481 -13.35 38.90 -18.72
N TYR B 482 -14.23 37.94 -18.48
CA TYR B 482 -14.39 36.82 -19.39
C TYR B 482 -15.15 37.24 -20.63
N THR B 483 -14.82 36.61 -21.76
CA THR B 483 -15.49 36.86 -23.02
C THR B 483 -15.46 35.59 -23.86
N PHE B 484 -16.63 35.15 -24.30
CA PHE B 484 -16.76 33.94 -25.10
C PHE B 484 -17.13 34.31 -26.53
N ASP B 485 -16.36 33.81 -27.49
CA ASP B 485 -16.61 34.06 -28.91
C ASP B 485 -17.45 32.90 -29.43
N SER B 486 -18.78 33.05 -29.34
CA SER B 486 -19.69 32.00 -29.79
C SER B 486 -19.58 31.73 -31.28
N ALA B 487 -18.94 32.61 -32.05
CA ALA B 487 -18.71 32.33 -33.47
C ALA B 487 -17.57 31.35 -33.65
N ALA B 488 -16.43 31.61 -33.01
CA ALA B 488 -15.28 30.72 -33.08
C ALA B 488 -15.28 29.64 -32.01
N GLN B 489 -16.22 29.71 -31.05
CA GLN B 489 -16.24 28.82 -29.90
C GLN B 489 -14.90 28.84 -29.17
N ALA B 490 -14.46 30.05 -28.83
CA ALA B 490 -13.22 30.27 -28.12
C ALA B 490 -13.45 31.22 -26.96
N SER B 491 -12.54 31.18 -25.99
CA SER B 491 -12.64 31.99 -24.78
C SER B 491 -11.34 32.74 -24.55
N TYR B 492 -11.46 33.92 -23.92
CA TYR B 492 -10.30 34.68 -23.52
C TYR B 492 -10.71 35.60 -22.37
N VAL B 493 -9.69 36.07 -21.64
CA VAL B 493 -9.89 36.97 -20.52
C VAL B 493 -9.01 38.19 -20.71
N PHE B 494 -9.41 39.30 -20.08
CA PHE B 494 -8.67 40.53 -20.18
C PHE B 494 -8.78 41.32 -18.89
N ASP B 495 -7.68 41.98 -18.52
CA ASP B 495 -7.61 42.82 -17.33
C ASP B 495 -7.26 44.24 -17.78
N LYS B 496 -8.20 45.17 -17.62
CA LYS B 496 -7.97 46.55 -18.03
C LYS B 496 -6.92 47.24 -17.17
N SER B 497 -6.61 46.71 -15.99
CA SER B 497 -5.68 47.39 -15.09
C SER B 497 -4.25 47.29 -15.60
N LYS B 498 -3.83 46.11 -16.06
CA LYS B 498 -2.46 45.93 -16.53
C LYS B 498 -2.41 45.33 -17.93
N GLY B 499 -3.53 45.26 -18.64
CA GLY B 499 -3.51 44.82 -20.02
C GLY B 499 -3.10 43.38 -20.23
N ASP B 500 -3.59 42.47 -19.39
CA ASP B 500 -3.29 41.05 -19.54
C ASP B 500 -4.38 40.39 -20.37
N LEU B 501 -4.01 39.90 -21.55
CA LEU B 501 -4.94 39.25 -22.47
C LEU B 501 -4.50 37.79 -22.63
N ILE B 502 -5.28 36.86 -22.10
CA ILE B 502 -4.95 35.44 -22.12
C ILE B 502 -6.01 34.71 -22.94
N SER B 503 -5.56 33.91 -23.90
CA SER B 503 -6.44 33.06 -24.70
C SER B 503 -6.29 31.63 -24.21
N PHE B 504 -7.39 31.05 -23.72
CA PHE B 504 -7.37 29.73 -23.12
C PHE B 504 -8.65 28.99 -23.48
N ASP B 505 -8.78 27.77 -22.96
CA ASP B 505 -9.95 26.93 -23.17
C ASP B 505 -10.72 26.86 -21.86
N SER B 506 -11.90 27.48 -21.83
CA SER B 506 -12.78 27.41 -20.68
C SER B 506 -13.72 26.22 -20.83
N VAL B 507 -14.64 26.06 -19.87
CA VAL B 507 -15.64 25.00 -19.97
C VAL B 507 -16.49 25.18 -21.22
N ASP B 508 -16.77 26.44 -21.57
CA ASP B 508 -17.59 26.70 -22.75
C ASP B 508 -16.89 26.23 -24.02
N SER B 509 -15.64 26.65 -24.22
CA SER B 509 -14.94 26.32 -25.45
C SER B 509 -14.65 24.81 -25.54
N VAL B 510 -14.38 24.17 -24.40
CA VAL B 510 -14.19 22.73 -24.41
C VAL B 510 -15.48 22.03 -24.81
N LEU B 511 -16.61 22.48 -24.28
CA LEU B 511 -17.90 21.89 -24.65
C LEU B 511 -18.16 22.07 -26.15
N GLY B 512 -17.75 23.20 -26.71
CA GLY B 512 -17.85 23.38 -28.15
C GLY B 512 -17.02 22.38 -28.92
N LYS B 513 -15.83 22.05 -28.40
CA LYS B 513 -15.02 21.01 -29.02
C LYS B 513 -15.67 19.64 -28.88
N VAL B 514 -16.43 19.42 -27.81
CA VAL B 514 -17.13 18.15 -27.63
C VAL B 514 -18.19 17.98 -28.71
N LYS B 515 -19.05 18.99 -28.87
CA LYS B 515 -20.10 18.90 -29.89
C LYS B 515 -19.54 18.96 -31.30
N TYR B 516 -18.39 19.61 -31.48
CA TYR B 516 -17.74 19.57 -32.79
C TYR B 516 -17.22 18.17 -33.11
N VAL B 517 -16.81 17.41 -32.08
CA VAL B 517 -16.39 16.04 -32.29
C VAL B 517 -17.59 15.13 -32.53
N ASP B 518 -18.68 15.38 -31.80
CA ASP B 518 -19.85 14.51 -31.89
C ASP B 518 -20.50 14.60 -33.27
N ARG B 519 -20.86 15.80 -33.70
CA ARG B 519 -21.58 15.96 -34.97
C ARG B 519 -20.72 15.59 -36.16
N ASN B 520 -19.39 15.71 -36.04
CA ASN B 520 -18.49 15.47 -37.15
C ASN B 520 -17.85 14.09 -37.10
N LYS B 521 -18.37 13.18 -36.28
CA LYS B 521 -17.94 11.78 -36.24
C LYS B 521 -16.46 11.66 -35.86
N LEU B 522 -15.93 12.66 -35.15
CA LEU B 522 -14.52 12.66 -34.81
C LEU B 522 -14.23 11.64 -33.71
N GLY B 523 -12.94 11.30 -33.59
CA GLY B 523 -12.57 10.20 -32.72
C GLY B 523 -12.72 10.52 -31.25
N GLY B 524 -12.29 11.71 -30.83
CA GLY B 524 -12.38 12.08 -29.44
C GLY B 524 -11.51 13.29 -29.14
N LEU B 525 -11.14 13.41 -27.86
CA LEU B 525 -10.40 14.57 -27.37
C LEU B 525 -9.17 14.12 -26.59
N PHE B 526 -8.07 14.84 -26.78
CA PHE B 526 -6.86 14.65 -26.00
C PHE B 526 -6.37 16.00 -25.50
N ALA B 527 -5.67 16.00 -24.37
CA ALA B 527 -5.38 17.23 -23.66
C ALA B 527 -3.90 17.36 -23.35
N TRP B 528 -3.48 18.62 -23.18
CA TRP B 528 -2.16 18.97 -22.67
C TRP B 528 -2.30 20.20 -21.81
N GLU B 529 -1.94 20.12 -20.53
CA GLU B 529 -1.46 18.88 -19.91
C GLU B 529 -2.31 18.58 -18.69
N ILE B 530 -2.29 17.32 -18.25
CA ILE B 530 -3.25 16.87 -17.24
C ILE B 530 -3.02 17.57 -15.90
N ASP B 531 -1.78 17.99 -15.63
CA ASP B 531 -1.48 18.59 -14.34
C ASP B 531 -1.97 20.03 -14.21
N ALA B 532 -2.28 20.68 -15.32
CA ALA B 532 -2.68 22.08 -15.30
C ALA B 532 -4.18 22.28 -15.07
N ASP B 533 -4.97 21.22 -15.11
CA ASP B 533 -6.41 21.32 -14.92
C ASP B 533 -6.75 21.23 -13.44
N ASN B 534 -7.79 21.98 -13.05
CA ASN B 534 -8.33 21.92 -11.69
C ASN B 534 -9.60 21.08 -11.63
N GLY B 535 -9.84 20.24 -12.64
CA GLY B 535 -11.02 19.41 -12.73
C GLY B 535 -12.10 19.96 -13.64
N ASP B 536 -12.12 21.27 -13.86
CA ASP B 536 -13.19 21.87 -14.65
C ASP B 536 -13.15 21.40 -16.10
N LEU B 537 -11.96 21.35 -16.69
CA LEU B 537 -11.86 21.04 -18.10
C LEU B 537 -12.11 19.57 -18.39
N LEU B 538 -11.52 18.68 -17.59
CA LEU B 538 -11.64 17.26 -17.87
C LEU B 538 -13.08 16.78 -17.69
N ASN B 539 -13.81 17.36 -16.75
CA ASN B 539 -15.23 17.06 -16.63
C ASN B 539 -15.99 17.52 -17.88
N ALA B 540 -15.60 18.67 -18.44
CA ALA B 540 -16.24 19.15 -19.65
C ALA B 540 -15.86 18.31 -20.85
N ILE B 541 -14.66 17.74 -20.86
CA ILE B 541 -14.24 16.89 -21.98
C ILE B 541 -15.13 15.66 -22.07
N ASN B 542 -15.53 15.11 -20.94
CA ASN B 542 -16.31 13.88 -20.89
C ASN B 542 -17.80 14.13 -20.83
N ALA B 543 -18.26 15.33 -21.18
CA ALA B 543 -19.68 15.65 -21.13
C ALA B 543 -20.44 14.84 -22.18
N GLN B 544 -21.48 14.16 -21.75
CA GLN B 544 -22.27 13.28 -22.62
C GLN B 544 -23.51 14.04 -23.11
N PHE B 545 -23.66 14.12 -24.43
CA PHE B 545 -24.84 14.73 -25.03
C PHE B 545 -25.73 13.66 -25.66
C1 NAG C . -5.68 -17.63 6.00
C2 NAG C . -5.12 -17.23 7.36
C3 NAG C . -4.08 -18.26 7.82
C4 NAG C . -4.65 -19.67 7.77
C5 NAG C . -5.23 -19.95 6.39
C6 NAG C . -5.92 -21.29 6.31
C7 NAG C . -5.10 -14.85 7.92
C8 NAG C . -6.39 -15.11 8.66
N2 NAG C . -4.54 -15.90 7.32
O1 NAG C . -6.68 -16.73 5.64
O3 NAG C . -3.65 -17.94 9.13
O4 NAG C . -3.63 -20.61 8.05
O5 NAG C . -6.22 -18.95 6.06
O6 NAG C . -7.21 -21.18 5.70
O7 NAG C . -4.61 -13.73 7.88
C1 NAG D . -13.95 5.71 -5.90
C2 NAG D . -14.87 4.51 -5.64
C3 NAG D . -14.14 3.21 -5.92
C4 NAG D . -13.55 3.22 -7.32
C5 NAG D . -12.68 4.45 -7.52
C6 NAG D . -12.19 4.58 -8.95
C7 NAG D . -14.68 4.49 -3.18
C8 NAG D . -15.44 4.52 -1.89
N2 NAG D . -15.42 4.55 -4.29
O1 NAG D . -14.65 6.89 -5.72
O3 NAG D . -15.04 2.12 -5.76
O4 NAG D . -12.76 2.04 -7.52
O5 NAG D . -13.44 5.64 -7.25
O6 NAG D . -13.06 3.96 -9.87
O7 NAG D . -13.46 4.41 -3.20
C1 NAG E . -0.74 -4.17 40.80
C2 NAG E . -0.51 -2.93 39.95
C3 NAG E . -0.79 -3.23 38.48
C4 NAG E . 0.01 -4.45 38.02
C5 NAG E . -0.25 -5.62 38.95
C6 NAG E . 0.59 -6.83 38.64
C7 NAG E . -1.02 -0.54 40.21
C8 NAG E . -2.00 0.46 40.76
N2 NAG E . -1.34 -1.82 40.41
O1 NAG E . -0.41 -3.90 42.12
O3 NAG E . -0.43 -2.10 37.69
O4 NAG E . -0.35 -4.81 36.70
O5 NAG E . 0.06 -5.25 40.31
O6 NAG E . 0.10 -8.00 39.27
O7 NAG E . -0.01 -0.21 39.63
C1 SN5 F . -1.35 -3.33 33.56
S7 SN5 F . 2.00 -1.65 31.97
C2 SN5 F . -0.83 -2.02 33.10
C3 SN5 F . -1.83 -0.98 33.13
C4 SN5 F . -3.05 -1.35 32.37
C5 SN5 F . -3.67 -2.65 32.90
C6 SN5 F . -4.76 -3.04 32.09
C7 SN5 F . 1.61 -1.22 33.46
C8 SN5 F . 2.57 -0.39 34.29
N2 SN5 F . 0.31 -1.61 34.03
O3 SN5 F . -1.27 0.27 32.53
O4 SN5 F . -4.03 -0.28 32.49
O5 SN5 F . -2.56 -3.72 32.84
O6 SN5 F . -5.27 -4.25 32.54
C1 58Y G . 0.34 -8.17 33.58
C2 58Y G . -1.01 -7.79 33.36
C3 58Y G . -1.11 -6.58 32.53
C4 58Y G . -0.20 -5.42 32.95
C5 58Y G . 1.20 -5.85 33.41
C6 58Y G . 1.88 -4.69 34.19
C7 58Y G . -0.52 -9.66 31.76
C8 58Y G . -0.66 -9.71 30.22
N2 58Y G . -1.64 -8.93 32.36
S1 58Y G . 0.80 -8.83 32.18
O3 58Y G . -2.49 -6.14 32.56
O4 58Y G . -0.83 -4.63 33.93
O5 58Y G . 1.22 -6.93 34.21
O6 58Y G . 2.08 -5.11 35.52
CL CL H . -23.56 -5.81 0.03
S SO4 I . -20.86 -14.29 10.31
O1 SO4 I . -19.89 -13.20 10.32
O2 SO4 I . -20.30 -15.41 9.55
O3 SO4 I . -22.09 -13.84 9.66
O4 SO4 I . -21.14 -14.72 11.67
S SO4 J . -23.33 -11.39 19.07
O1 SO4 J . -23.70 -10.99 17.72
O2 SO4 J . -23.06 -12.83 19.10
O3 SO4 J . -22.12 -10.68 19.49
O4 SO4 J . -24.42 -11.08 19.99
S SO4 K . -29.49 -10.57 -11.30
O1 SO4 K . -28.09 -10.60 -11.68
O2 SO4 K . -30.12 -11.84 -11.64
O3 SO4 K . -29.60 -10.34 -9.87
O4 SO4 K . -30.17 -9.49 -12.02
C1 NAG L . 6.60 27.43 -29.56
C2 NAG L . 6.81 27.64 -28.06
C3 NAG L . 6.81 26.30 -27.32
C4 NAG L . 5.55 25.52 -27.65
C5 NAG L . 5.40 25.39 -29.17
C6 NAG L . 4.10 24.72 -29.57
C7 NAG L . 8.13 29.53 -27.19
C8 NAG L . 9.50 30.12 -27.03
N2 NAG L . 8.07 28.35 -27.82
O1 NAG L . 6.52 28.67 -30.19
O3 NAG L . 6.88 26.54 -25.92
O4 NAG L . 5.62 24.22 -27.08
O5 NAG L . 5.38 26.70 -29.76
O6 NAG L . 4.32 23.38 -29.98
O7 NAG L . 7.13 30.09 -26.76
C1 NAG M . 1.01 32.44 -40.55
C2 NAG M . -0.35 32.27 -41.24
C3 NAG M . -1.45 32.96 -40.44
C4 NAG M . -1.43 32.50 -39.00
C5 NAG M . -0.04 32.67 -38.40
C6 NAG M . 0.08 32.13 -37.00
C7 NAG M . -1.12 32.39 -43.58
C8 NAG M . -0.92 33.04 -44.91
N2 NAG M . -0.29 32.80 -42.60
O1 NAG M . 1.98 31.72 -41.24
O3 NAG M . -2.71 32.68 -41.03
O4 NAG M . -2.37 33.24 -38.23
O5 NAG M . 0.91 31.95 -39.20
O6 NAG M . 0.25 33.17 -36.05
O7 NAG M . -1.98 31.54 -43.39
C1 NAG N . -0.92 52.13 -33.06
C2 NAG N . -0.55 51.01 -34.03
C3 NAG N . -0.37 51.55 -35.45
C4 NAG N . -1.60 52.33 -35.88
C5 NAG N . -1.92 53.43 -34.85
C6 NAG N . -3.19 54.17 -35.16
C7 NAG N . 0.89 49.03 -33.81
C8 NAG N . 2.18 48.50 -33.28
N2 NAG N . 0.65 50.33 -33.58
O3 NAG N . -0.14 50.48 -36.34
O4 NAG N . -1.39 52.93 -37.15
O5 NAG N . -2.08 52.84 -33.55
O6 NAG N . -3.93 54.44 -33.97
O7 NAG N . 0.09 48.33 -34.41
C1 SN5 O . 6.41 22.26 -24.54
S7 SN5 O . 3.91 23.39 -21.52
C2 SN5 O . 6.45 22.85 -23.17
C3 SN5 O . 7.80 23.00 -22.66
C4 SN5 O . 8.57 21.73 -22.72
C5 SN5 O . 8.63 21.17 -24.14
C6 SN5 O . 9.27 19.90 -24.15
C7 SN5 O . 4.72 24.56 -22.27
C8 SN5 O . 4.39 26.01 -22.00
N2 SN5 O . 5.79 24.22 -23.22
O3 SN5 O . 7.74 23.45 -21.24
O4 SN5 O . 9.92 21.97 -22.24
O5 SN5 O . 7.17 21.02 -24.63
O6 SN5 O . 9.28 19.39 -25.44
C1 58Y P . 2.81 20.43 -27.69
C2 58Y P . 4.12 19.90 -27.56
C3 58Y P . 4.60 19.88 -26.18
C4 58Y P . 4.38 21.19 -25.40
C5 58Y P . 3.04 21.88 -25.69
C6 58Y P . 3.09 23.37 -25.20
C7 58Y P . 2.58 17.93 -27.78
C8 58Y P . 2.41 16.71 -26.84
N2 58Y P . 3.99 18.29 -27.87
S1 58Y P . 1.86 19.24 -27.14
O3 58Y P . 6.01 19.57 -26.18
O4 58Y P . 5.46 22.07 -25.61
O5 58Y P . 2.69 21.90 -26.98
O6 58Y P . 2.98 24.20 -26.33
S SO4 Q . -2.16 20.70 -6.26
O1 SO4 Q . -2.19 20.46 -7.70
O2 SO4 Q . -1.21 19.79 -5.63
O3 SO4 Q . -1.76 22.09 -6.01
O4 SO4 Q . -3.50 20.48 -5.71
S SO4 R . 18.83 -2.22 -25.79
O1 SO4 R . 18.45 -2.64 -27.12
O2 SO4 R . 20.24 -2.56 -25.54
O3 SO4 R . 18.66 -0.78 -25.66
O4 SO4 R . 17.99 -2.90 -24.80
#